data_3EOC
#
_entry.id   3EOC
#
_cell.length_a   182.977
_cell.length_b   182.977
_cell.length_c   213.687
_cell.angle_alpha   90.00
_cell.angle_beta   90.00
_cell.angle_gamma   120.00
#
_symmetry.space_group_name_H-M   'P 62 2 2'
#
loop_
_entity.id
_entity.type
_entity.pdbx_description
1 polymer 'Cell division protein kinase 2'
2 polymer Cyclin-A2
3 non-polymer 5-methyl-7-phenyl-N-(3,4,5-trimethoxyphenyl)imidazo[5,1-f][1,2,4]triazin-2-amine
#
loop_
_entity_poly.entity_id
_entity_poly.type
_entity_poly.pdbx_seq_one_letter_code
_entity_poly.pdbx_strand_id
1 'polypeptide(L)'
;MENFQKVEKIGEGTYGVVYKARNKLTGEVVALKKIRLDTETEGVPSTAIREISLLKELNHPNIVKLLDVIHTENKLYLVF
EFLHQDLKKFMDASALTGIPLPLIKSYLFQLLQGLAFCHSHRVLHRDLKPQNLLINTEGAIKLADFGLARAFGVPVRTYT
HEVVTLWYRAPEILLGCKYYSTAVDIWSLGCIFAEMVTRRALFPGDSEIDQLFRIFRTLGTPDEVVWPGVTSMPDYKPSF
PKWARQDFSKVVPPLDEDGRSLLSQMLHYDPNKRISAKAALAHPFFQDVTKPVPHLRL
;
A,C
2 'polypeptide(L)'
;NEVPDYHEDIHTYLREMEVKCKPKVGYMKKQPDITNSMRAILVDWLVEVGEEYKLQNETLHLAVNYIDRFLSSMSVLRGK
LQLVGTAAMLLASKFEEIYPPEVAEFVYITDDTYTKKQVLRMEHLVLKVLTFDLAAPTVNQFLTQYFLHQQPANCKVESL
AMFLGELSLIDADPYLKYLPSVIAGAAFHLALYTVTGQSWPESLIRKTGYTLESLKPCLMDLHQTYLKAPQHAQQSIREK
YKNSKYHGVSLLNPPETLNL
;
B,D
#
loop_
_chem_comp.id
_chem_comp.type
_chem_comp.name
_chem_comp.formula
T2A non-polymer 5-methyl-7-phenyl-N-(3,4,5-trimethoxyphenyl)imidazo[5,1-f][1,2,4]triazin-2-amine 'C21 H21 N5 O3'
#
# COMPACT_ATOMS: atom_id res chain seq x y z
N MET A 1 8.28 17.40 -6.05
CA MET A 1 8.85 17.75 -7.39
C MET A 1 10.03 18.72 -7.29
N GLU A 2 10.15 19.38 -6.14
CA GLU A 2 11.25 20.30 -5.89
C GLU A 2 12.57 19.58 -5.59
N ASN A 3 12.52 18.26 -5.58
CA ASN A 3 13.69 17.43 -5.34
C ASN A 3 14.58 17.27 -6.56
N PHE A 4 13.97 17.34 -7.75
CA PHE A 4 14.68 17.02 -8.98
C PHE A 4 15.18 18.28 -9.68
N GLN A 5 16.45 18.26 -10.08
CA GLN A 5 17.00 19.29 -10.95
C GLN A 5 17.11 18.73 -12.37
N LYS A 6 16.45 19.40 -13.31
CA LYS A 6 16.45 18.99 -14.72
C LYS A 6 17.86 19.16 -15.29
N VAL A 7 18.40 18.09 -15.87
CA VAL A 7 19.77 18.11 -16.38
C VAL A 7 19.84 18.47 -17.87
N GLU A 8 19.01 17.84 -18.68
CA GLU A 8 18.97 18.07 -20.13
C GLU A 8 17.82 17.33 -20.78
N LYS A 9 17.44 17.76 -21.99
CA LYS A 9 16.45 17.05 -22.79
C LYS A 9 17.11 15.84 -23.44
N ILE A 10 16.36 14.76 -23.57
CA ILE A 10 16.88 13.54 -24.19
C ILE A 10 15.94 12.97 -25.26
N GLY A 11 15.01 13.78 -25.73
CA GLY A 11 14.10 13.41 -26.82
C GLY A 11 12.62 13.45 -26.48
N GLU A 12 11.78 13.68 -27.50
CA GLU A 12 10.33 13.59 -27.39
C GLU A 12 9.89 12.17 -27.72
N GLY A 13 8.69 11.77 -27.28
CA GLY A 13 8.17 10.43 -27.58
C GLY A 13 6.78 10.16 -27.06
N THR A 14 5.82 10.12 -27.99
CA THR A 14 4.40 9.78 -27.72
C THR A 14 3.74 10.64 -26.63
N TYR A 15 3.91 10.28 -25.35
CA TYR A 15 3.33 11.05 -24.25
C TYR A 15 3.81 12.52 -24.25
N GLY A 16 5.12 12.74 -24.23
CA GLY A 16 5.67 14.11 -24.29
C GLY A 16 7.18 14.18 -24.15
N VAL A 17 7.68 15.39 -23.91
CA VAL A 17 9.13 15.67 -23.76
C VAL A 17 9.74 14.91 -22.57
N VAL A 18 10.93 14.35 -22.78
CA VAL A 18 11.64 13.58 -21.75
C VAL A 18 12.99 14.21 -21.39
N TYR A 19 13.24 14.33 -20.09
CA TYR A 19 14.46 14.93 -19.56
C TYR A 19 15.28 13.91 -18.77
N LYS A 20 16.60 14.06 -18.81
CA LYS A 20 17.48 13.43 -17.82
C LYS A 20 17.48 14.35 -16.62
N ALA A 21 17.33 13.78 -15.43
CA ALA A 21 17.28 14.60 -14.22
C ALA A 21 17.99 13.91 -13.06
N ARG A 22 18.34 14.69 -12.04
CA ARG A 22 19.01 14.17 -10.85
C ARG A 22 18.22 14.46 -9.58
N ASN A 23 18.22 13.49 -8.66
CA ASN A 23 17.59 13.64 -7.36
C ASN A 23 18.53 14.35 -6.40
N LYS A 24 18.29 15.63 -6.16
CA LYS A 24 19.17 16.46 -5.32
C LYS A 24 19.48 15.84 -3.96
N LEU A 25 18.62 14.95 -3.49
CA LEU A 25 18.73 14.39 -2.13
C LEU A 25 19.38 13.02 -2.08
N THR A 26 19.00 12.13 -3.00
CA THR A 26 19.56 10.78 -3.00
C THR A 26 20.74 10.63 -3.94
N GLY A 27 20.78 11.45 -4.99
CA GLY A 27 21.81 11.37 -6.00
C GLY A 27 21.40 10.54 -7.21
N GLU A 28 20.31 9.79 -7.06
CA GLU A 28 19.81 8.92 -8.11
C GLU A 28 19.53 9.71 -9.40
N VAL A 29 20.05 9.19 -10.52
CA VAL A 29 19.82 9.80 -11.81
C VAL A 29 18.59 9.16 -12.46
N VAL A 30 17.63 10.00 -12.85
CA VAL A 30 16.38 9.49 -13.39
C VAL A 30 16.05 10.10 -14.75
N ALA A 31 15.05 9.51 -15.40
CA ALA A 31 14.46 10.08 -16.60
C ALA A 31 13.09 10.63 -16.23
N LEU A 32 12.92 11.93 -16.38
CA LEU A 32 11.62 12.58 -16.14
C LEU A 32 10.82 12.67 -17.42
N LYS A 33 9.55 12.27 -17.35
CA LYS A 33 8.65 12.39 -18.48
C LYS A 33 7.60 13.46 -18.12
N LYS A 34 7.68 14.61 -18.77
CA LYS A 34 6.83 15.74 -18.42
C LYS A 34 5.56 15.75 -19.26
N ILE A 35 4.43 16.11 -18.63
CA ILE A 35 3.15 16.28 -19.33
C ILE A 35 2.49 17.59 -18.91
N ARG A 36 2.17 18.44 -19.89
CA ARG A 36 1.46 19.70 -19.64
C ARG A 36 -0.04 19.43 -19.41
N LEU A 37 -0.68 20.28 -18.60
CA LEU A 37 -2.05 20.02 -18.17
C LEU A 37 -2.86 21.32 -18.04
N THR A 41 -6.00 20.41 -21.94
CA THR A 41 -7.05 20.10 -20.96
C THR A 41 -8.21 19.27 -21.57
N GLU A 42 -7.96 17.97 -21.69
CA GLU A 42 -9.00 16.97 -21.91
C GLU A 42 -8.87 15.96 -20.78
N GLY A 43 -8.27 16.40 -19.68
CA GLY A 43 -7.96 15.54 -18.54
C GLY A 43 -6.59 14.92 -18.69
N VAL A 44 -6.34 13.86 -17.93
CA VAL A 44 -5.09 13.11 -18.05
C VAL A 44 -5.12 12.33 -19.37
N PRO A 45 -4.08 12.50 -20.21
CA PRO A 45 -3.96 11.83 -21.50
C PRO A 45 -4.10 10.30 -21.43
N SER A 46 -4.88 9.74 -22.36
CA SER A 46 -5.14 8.31 -22.44
C SER A 46 -3.86 7.49 -22.40
N THR A 47 -2.86 7.94 -23.15
CA THR A 47 -1.58 7.25 -23.27
C THR A 47 -0.90 7.14 -21.91
N ALA A 48 -0.93 8.24 -21.15
CA ALA A 48 -0.31 8.30 -19.82
C ALA A 48 -1.01 7.39 -18.81
N ILE A 49 -2.34 7.42 -18.81
CA ILE A 49 -3.15 6.57 -17.93
C ILE A 49 -2.82 5.11 -18.17
N ARG A 50 -2.70 4.73 -19.45
CA ARG A 50 -2.36 3.37 -19.81
C ARG A 50 -0.92 3.00 -19.46
N GLU A 51 0.00 3.95 -19.66
CA GLU A 51 1.42 3.69 -19.42
C GLU A 51 1.71 3.47 -17.94
N ILE A 52 1.25 4.40 -17.10
CA ILE A 52 1.42 4.28 -15.65
C ILE A 52 0.75 3.01 -15.16
N SER A 53 -0.53 2.87 -15.48
CA SER A 53 -1.37 1.77 -15.00
C SER A 53 -0.74 0.40 -15.27
N LEU A 54 -0.19 0.24 -16.46
CA LEU A 54 0.36 -1.04 -16.88
C LEU A 54 1.79 -1.28 -16.39
N LEU A 55 2.62 -0.23 -16.42
CA LEU A 55 4.02 -0.35 -15.96
C LEU A 55 4.14 -0.59 -14.45
N LYS A 56 3.21 -0.03 -13.67
CA LYS A 56 3.15 -0.28 -12.24
C LYS A 56 3.10 -1.77 -11.94
N GLU A 57 2.53 -2.54 -12.86
CA GLU A 57 2.41 -3.99 -12.71
C GLU A 57 3.62 -4.75 -13.25
N LEU A 58 4.23 -4.22 -14.30
CA LEU A 58 5.33 -4.88 -14.99
C LEU A 58 6.69 -4.60 -14.37
N ASN A 59 6.99 -5.26 -13.26
CA ASN A 59 8.30 -5.15 -12.65
C ASN A 59 9.22 -6.28 -13.11
N HIS A 60 10.11 -5.94 -14.03
CA HIS A 60 11.04 -6.90 -14.63
C HIS A 60 12.35 -6.18 -14.98
N PRO A 61 13.49 -6.89 -14.89
CA PRO A 61 14.79 -6.31 -15.24
C PRO A 61 14.91 -5.81 -16.70
N ASN A 62 14.19 -6.43 -17.63
CA ASN A 62 14.23 -6.03 -19.05
C ASN A 62 13.09 -5.12 -19.52
N ILE A 63 12.35 -4.57 -18.55
CA ILE A 63 11.33 -3.55 -18.77
C ILE A 63 11.72 -2.34 -17.94
N VAL A 64 11.75 -1.16 -18.54
CA VAL A 64 12.20 0.04 -17.81
C VAL A 64 11.22 0.34 -16.68
N LYS A 65 11.77 0.47 -15.46
CA LYS A 65 10.97 0.68 -14.25
C LYS A 65 10.43 2.09 -14.11
N LEU A 66 9.12 2.17 -13.89
CA LEU A 66 8.47 3.43 -13.50
C LEU A 66 8.71 3.59 -12.00
N LEU A 67 9.55 4.56 -11.64
CA LEU A 67 9.99 4.73 -10.26
C LEU A 67 9.01 5.52 -9.43
N ASP A 68 8.40 6.54 -10.04
CA ASP A 68 7.44 7.40 -9.33
C ASP A 68 6.51 8.17 -10.26
N VAL A 69 5.35 8.56 -9.74
CA VAL A 69 4.39 9.40 -10.45
C VAL A 69 4.02 10.58 -9.56
N ILE A 70 4.45 11.77 -9.96
CA ILE A 70 4.15 12.97 -9.17
C ILE A 70 2.93 13.71 -9.74
N HIS A 71 1.91 13.79 -8.89
CA HIS A 71 0.58 14.30 -9.22
C HIS A 71 0.46 15.70 -8.62
N THR A 72 0.40 16.72 -9.46
CA THR A 72 0.22 18.10 -8.96
C THR A 72 -0.94 18.85 -9.60
N GLU A 73 -0.89 20.17 -9.49
CA GLU A 73 -1.94 21.07 -9.96
C GLU A 73 -2.04 21.12 -11.49
N ASN A 74 -0.98 21.64 -12.12
CA ASN A 74 -0.98 21.89 -13.56
C ASN A 74 0.02 21.03 -14.36
N LYS A 75 0.74 20.13 -13.68
CA LYS A 75 1.72 19.28 -14.35
C LYS A 75 1.76 17.85 -13.81
N LEU A 76 1.95 16.89 -14.73
CA LEU A 76 2.10 15.47 -14.38
C LEU A 76 3.47 14.97 -14.80
N TYR A 77 4.23 14.44 -13.84
CA TYR A 77 5.57 13.95 -14.07
C TYR A 77 5.67 12.46 -13.82
N LEU A 78 6.27 11.73 -14.76
CA LEU A 78 6.53 10.30 -14.56
C LEU A 78 8.03 10.08 -14.43
N VAL A 79 8.43 9.54 -13.27
CA VAL A 79 9.84 9.30 -12.96
C VAL A 79 10.23 7.88 -13.38
N PHE A 80 11.29 7.77 -14.19
CA PHE A 80 11.72 6.49 -14.72
C PHE A 80 13.17 6.23 -14.39
N GLU A 81 13.57 4.95 -14.35
CA GLU A 81 14.99 4.62 -14.29
C GLU A 81 15.68 5.11 -15.56
N PHE A 82 16.95 5.44 -15.44
CA PHE A 82 17.69 6.05 -16.55
C PHE A 82 18.57 5.04 -17.25
N LEU A 83 18.50 4.99 -18.58
CA LEU A 83 19.47 4.22 -19.37
C LEU A 83 20.26 5.15 -20.26
N HIS A 84 21.29 4.63 -20.91
CA HIS A 84 22.30 5.49 -21.53
C HIS A 84 21.98 5.94 -22.96
N GLN A 85 21.39 5.06 -23.75
CA GLN A 85 20.87 5.44 -25.08
C GLN A 85 19.85 4.45 -25.61
N ASP A 86 19.34 4.73 -26.81
CA ASP A 86 18.42 3.83 -27.50
C ASP A 86 19.17 2.94 -28.49
N LEU A 87 18.57 1.80 -28.84
CA LEU A 87 19.19 0.83 -29.73
C LEU A 87 19.44 1.41 -31.12
N LYS A 88 18.51 2.25 -31.57
CA LYS A 88 18.64 2.92 -32.87
C LYS A 88 19.94 3.71 -32.98
N LYS A 89 20.27 4.48 -31.94
CA LYS A 89 21.49 5.27 -31.94
C LYS A 89 22.74 4.41 -31.87
N PHE A 90 22.64 3.28 -31.17
CA PHE A 90 23.76 2.36 -31.05
C PHE A 90 24.02 1.65 -32.36
N MET A 91 22.94 1.33 -33.09
CA MET A 91 23.03 0.74 -34.42
C MET A 91 23.74 1.68 -35.38
N ASP A 92 23.39 2.96 -35.32
CA ASP A 92 24.01 4.00 -36.15
C ASP A 92 25.49 4.14 -35.87
N ALA A 93 25.90 4.05 -34.61
CA ALA A 93 27.31 4.13 -34.26
C ALA A 93 28.06 2.87 -34.67
N SER A 94 27.35 1.75 -34.73
CA SER A 94 27.95 0.48 -35.15
C SER A 94 28.06 0.33 -36.67
N ALA A 95 27.29 1.11 -37.41
CA ALA A 95 27.16 1.01 -38.89
C ALA A 95 28.40 0.45 -39.62
N LEU A 96 29.56 1.06 -39.37
CA LEU A 96 30.81 0.64 -40.00
C LEU A 96 31.34 -0.67 -39.44
N THR A 97 31.45 -0.75 -38.12
CA THR A 97 32.05 -1.90 -37.46
C THR A 97 31.10 -3.11 -37.36
N GLY A 98 29.83 -2.84 -37.08
CA GLY A 98 28.82 -3.88 -36.91
C GLY A 98 28.68 -4.32 -35.45
N ILE A 99 27.46 -4.70 -35.08
CA ILE A 99 27.19 -5.28 -33.75
C ILE A 99 27.59 -6.77 -33.74
N PRO A 100 28.54 -7.16 -32.87
CA PRO A 100 28.98 -8.56 -32.79
C PRO A 100 27.81 -9.52 -32.55
N LEU A 101 27.81 -10.64 -33.25
CA LEU A 101 26.75 -11.65 -33.15
C LEU A 101 26.43 -12.10 -31.71
N PRO A 102 27.46 -12.25 -30.84
CA PRO A 102 27.17 -12.55 -29.43
C PRO A 102 26.28 -11.51 -28.74
N LEU A 103 26.50 -10.23 -29.04
CA LEU A 103 25.73 -9.14 -28.44
C LEU A 103 24.31 -9.05 -28.99
N ILE A 104 24.15 -9.37 -30.27
CA ILE A 104 22.83 -9.49 -30.91
C ILE A 104 22.03 -10.59 -30.20
N LYS A 105 22.66 -11.75 -30.04
CA LYS A 105 22.07 -12.87 -29.33
C LYS A 105 21.66 -12.46 -27.91
N SER A 106 22.55 -11.77 -27.20
CA SER A 106 22.28 -11.30 -25.84
C SER A 106 21.10 -10.33 -25.80
N TYR A 107 21.06 -9.39 -26.74
CA TYR A 107 19.99 -8.41 -26.79
C TYR A 107 18.66 -9.07 -27.08
N LEU A 108 18.62 -9.93 -28.10
CA LEU A 108 17.39 -10.61 -28.48
C LEU A 108 16.87 -11.47 -27.32
N PHE A 109 17.76 -12.20 -26.69
CA PHE A 109 17.41 -13.04 -25.54
C PHE A 109 16.71 -12.22 -24.45
N GLN A 110 17.32 -11.09 -24.11
CA GLN A 110 16.80 -10.20 -23.07
C GLN A 110 15.45 -9.60 -23.46
N LEU A 111 15.36 -9.07 -24.68
CA LEU A 111 14.12 -8.50 -25.21
C LEU A 111 13.00 -9.52 -25.16
N LEU A 112 13.32 -10.76 -25.56
CA LEU A 112 12.36 -11.87 -25.56
C LEU A 112 11.89 -12.20 -24.16
N GLN A 113 12.75 -12.02 -23.17
CA GLN A 113 12.38 -12.17 -21.76
C GLN A 113 11.43 -11.06 -21.31
N GLY A 114 11.76 -9.83 -21.69
CA GLY A 114 10.91 -8.68 -21.41
C GLY A 114 9.53 -8.87 -22.01
N LEU A 115 9.52 -9.24 -23.29
CA LEU A 115 8.26 -9.42 -24.00
C LEU A 115 7.43 -10.57 -23.43
N ALA A 116 8.11 -11.67 -23.09
CA ALA A 116 7.48 -12.83 -22.49
C ALA A 116 6.81 -12.46 -21.18
N PHE A 117 7.49 -11.62 -20.41
CA PHE A 117 6.96 -11.10 -19.16
C PHE A 117 5.73 -10.24 -19.42
N CYS A 118 5.81 -9.36 -20.42
CA CYS A 118 4.70 -8.49 -20.79
C CYS A 118 3.46 -9.29 -21.17
N HIS A 119 3.65 -10.30 -22.03
CA HIS A 119 2.54 -11.06 -22.56
C HIS A 119 1.86 -11.93 -21.50
N SER A 120 2.64 -12.62 -20.68
CA SER A 120 2.07 -13.45 -19.61
C SER A 120 1.55 -12.60 -18.45
N HIS A 121 1.51 -11.29 -18.66
CA HIS A 121 0.85 -10.33 -17.77
C HIS A 121 -0.18 -9.51 -18.54
N ARG A 122 -0.82 -10.16 -19.51
CA ARG A 122 -1.82 -9.58 -20.44
C ARG A 122 -1.53 -8.16 -20.97
N VAL A 123 -0.26 -7.84 -21.22
CA VAL A 123 0.13 -6.53 -21.78
C VAL A 123 0.73 -6.65 -23.19
N LEU A 124 0.16 -5.91 -24.14
CA LEU A 124 0.71 -5.79 -25.49
C LEU A 124 1.52 -4.51 -25.57
N HIS A 125 2.71 -4.57 -26.13
CA HIS A 125 3.50 -3.34 -26.28
C HIS A 125 3.07 -2.55 -27.50
N ARG A 126 2.97 -3.25 -28.64
CA ARG A 126 2.42 -2.70 -29.88
C ARG A 126 3.29 -1.71 -30.65
N ASP A 127 4.46 -1.37 -30.12
CA ASP A 127 5.29 -0.34 -30.76
C ASP A 127 6.78 -0.60 -30.55
N LEU A 128 7.22 -1.82 -30.85
CA LEU A 128 8.63 -2.17 -30.66
C LEU A 128 9.47 -1.73 -31.85
N LYS A 129 10.36 -0.78 -31.59
CA LYS A 129 11.26 -0.26 -32.61
C LYS A 129 12.57 0.11 -31.93
N PRO A 130 13.69 0.11 -32.67
CA PRO A 130 14.97 0.38 -32.06
C PRO A 130 15.07 1.64 -31.19
N GLN A 131 14.20 2.62 -31.41
CA GLN A 131 14.20 3.83 -30.57
C GLN A 131 13.33 3.72 -29.31
N ASN A 132 12.66 2.57 -29.17
CA ASN A 132 11.88 2.23 -27.97
C ASN A 132 12.62 1.25 -27.07
N LEU A 133 13.76 0.76 -27.52
CA LEU A 133 14.55 -0.19 -26.76
C LEU A 133 15.78 0.52 -26.22
N LEU A 134 16.03 0.37 -24.93
CA LEU A 134 17.08 1.12 -24.25
C LEU A 134 18.18 0.23 -23.68
N ILE A 135 19.42 0.68 -23.82
CA ILE A 135 20.59 -0.09 -23.41
C ILE A 135 21.45 0.67 -22.41
N ASN A 136 22.24 -0.09 -21.65
CA ASN A 136 23.27 0.49 -20.78
C ASN A 136 24.66 -0.05 -21.12
N THR A 137 25.67 0.47 -20.42
CA THR A 137 27.06 0.05 -20.62
C THR A 137 27.32 -1.37 -20.12
N GLU A 138 26.47 -1.85 -19.23
CA GLU A 138 26.64 -3.18 -18.62
C GLU A 138 26.06 -4.32 -19.46
N GLY A 139 25.62 -4.00 -20.68
CA GLY A 139 25.14 -5.00 -21.63
C GLY A 139 23.67 -5.36 -21.56
N ALA A 140 22.91 -4.54 -20.83
CA ALA A 140 21.48 -4.77 -20.64
C ALA A 140 20.66 -4.04 -21.71
N ILE A 141 19.48 -4.58 -21.99
CA ILE A 141 18.51 -3.95 -22.89
C ILE A 141 17.10 -4.06 -22.28
N LYS A 142 16.32 -2.99 -22.40
CA LYS A 142 15.01 -2.92 -21.75
C LYS A 142 13.91 -2.29 -22.63
N LEU A 143 12.68 -2.81 -22.51
CA LEU A 143 11.54 -2.24 -23.24
C LEU A 143 11.09 -0.93 -22.62
N ALA A 144 10.78 0.05 -23.47
CA ALA A 144 10.36 1.37 -23.01
C ALA A 144 9.21 1.94 -23.85
N ASP A 145 8.76 3.14 -23.48
CA ASP A 145 7.57 3.79 -24.06
C ASP A 145 6.35 2.85 -24.18
N PHE A 146 5.56 2.80 -23.11
CA PHE A 146 4.36 1.99 -23.10
C PHE A 146 3.11 2.86 -23.28
N GLY A 147 3.22 3.86 -24.16
CA GLY A 147 2.12 4.79 -24.43
C GLY A 147 1.06 4.20 -25.33
N LEU A 148 1.45 3.23 -26.15
CA LEU A 148 0.52 2.53 -27.02
C LEU A 148 0.24 1.13 -26.51
N ALA A 149 0.78 0.81 -25.34
CA ALA A 149 0.52 -0.47 -24.68
C ALA A 149 -0.95 -0.63 -24.34
N ARG A 150 -1.41 -1.88 -24.29
CA ARG A 150 -2.81 -2.22 -24.09
C ARG A 150 -2.96 -3.50 -23.29
N ALA A 151 -3.92 -3.52 -22.38
CA ALA A 151 -4.22 -4.73 -21.62
C ALA A 151 -5.17 -5.60 -22.43
N PHE A 152 -4.81 -6.86 -22.61
CA PHE A 152 -5.68 -7.78 -23.36
C PHE A 152 -6.36 -8.87 -22.53
N GLY A 153 -6.94 -8.48 -21.39
CA GLY A 153 -7.80 -9.38 -20.62
C GLY A 153 -9.00 -9.75 -21.46
N VAL A 154 -9.46 -8.76 -22.25
CA VAL A 154 -10.38 -8.94 -23.37
C VAL A 154 -9.60 -8.61 -24.64
N PRO A 155 -9.93 -9.26 -25.78
CA PRO A 155 -9.16 -9.02 -27.01
C PRO A 155 -9.22 -7.57 -27.46
N VAL A 156 -8.10 -7.05 -27.98
CA VAL A 156 -7.96 -5.64 -28.32
C VAL A 156 -8.33 -5.37 -29.78
N ARG A 157 -9.34 -4.53 -29.99
CA ARG A 157 -9.76 -4.14 -31.35
C ARG A 157 -8.73 -3.21 -31.99
N THR A 158 -8.54 -3.36 -33.30
CA THR A 158 -7.55 -2.57 -34.05
C THR A 158 -8.10 -1.21 -34.48
N TYR A 159 -7.24 -0.20 -34.42
CA TYR A 159 -7.57 1.15 -34.87
C TYR A 159 -7.69 1.17 -36.40
N THR A 160 -8.67 1.91 -36.92
CA THR A 160 -8.84 2.05 -38.38
C THR A 160 -7.68 2.85 -39.00
N HIS A 161 -7.26 3.92 -38.32
CA HIS A 161 -6.00 4.58 -38.64
C HIS A 161 -4.96 4.08 -37.64
N GLU A 162 -4.07 3.19 -38.12
CA GLU A 162 -3.07 2.53 -37.25
C GLU A 162 -1.93 3.47 -36.85
N VAL A 163 -1.50 3.34 -35.60
CA VAL A 163 -0.55 4.29 -35.01
C VAL A 163 0.78 3.61 -34.60
N VAL A 164 1.01 2.40 -35.10
CA VAL A 164 2.31 1.73 -34.96
C VAL A 164 3.28 2.33 -36.01
N THR A 165 4.57 2.00 -35.89
CA THR A 165 5.55 2.29 -36.95
C THR A 165 5.21 1.46 -38.18
N LEU A 166 5.50 1.99 -39.36
CA LEU A 166 5.22 1.26 -40.59
C LEU A 166 6.17 0.07 -40.76
N TRP A 167 7.47 0.33 -40.66
CA TRP A 167 8.52 -0.66 -40.93
C TRP A 167 8.41 -1.94 -40.10
N TYR A 168 7.93 -1.81 -38.86
CA TYR A 168 7.92 -2.91 -37.91
C TYR A 168 6.52 -3.50 -37.68
N ARG A 169 5.60 -3.18 -38.60
CA ARG A 169 4.22 -3.62 -38.51
C ARG A 169 4.03 -5.02 -39.07
N ALA A 170 3.26 -5.83 -38.34
CA ALA A 170 2.96 -7.20 -38.74
C ALA A 170 1.99 -7.24 -39.92
N PRO A 171 2.05 -8.31 -40.75
CA PRO A 171 1.22 -8.33 -41.95
C PRO A 171 -0.27 -8.45 -41.65
N GLU A 172 -0.62 -9.02 -40.49
CA GLU A 172 -2.03 -9.17 -40.12
C GLU A 172 -2.71 -7.82 -40.02
N ILE A 173 -2.03 -6.86 -39.38
CA ILE A 173 -2.56 -5.52 -39.19
C ILE A 173 -2.77 -4.81 -40.54
N LEU A 174 -1.77 -4.93 -41.41
CA LEU A 174 -1.83 -4.34 -42.74
C LEU A 174 -2.95 -4.91 -43.61
N LEU A 175 -3.30 -6.17 -43.38
CA LEU A 175 -4.38 -6.83 -44.11
C LEU A 175 -5.73 -6.67 -43.42
N GLY A 176 -5.73 -5.96 -42.28
CA GLY A 176 -6.94 -5.45 -41.65
C GLY A 176 -7.72 -6.36 -40.72
N CYS A 177 -7.05 -7.31 -40.09
CA CYS A 177 -7.70 -8.23 -39.13
C CYS A 177 -8.30 -7.46 -37.95
N LYS A 178 -9.35 -8.00 -37.36
CA LYS A 178 -10.14 -7.28 -36.35
C LYS A 178 -9.40 -7.03 -35.04
N TYR A 179 -8.69 -8.03 -34.53
CA TYR A 179 -8.02 -7.91 -33.22
C TYR A 179 -6.50 -7.96 -33.32
N TYR A 180 -5.84 -7.21 -32.43
CA TYR A 180 -4.41 -7.34 -32.21
C TYR A 180 -4.12 -8.68 -31.52
N SER A 181 -2.85 -9.01 -31.41
CA SER A 181 -2.41 -10.31 -30.93
C SER A 181 -1.01 -10.18 -30.36
N THR A 182 -0.67 -11.07 -29.41
CA THR A 182 0.70 -11.15 -28.94
C THR A 182 1.68 -11.25 -30.11
N ALA A 183 1.28 -11.99 -31.15
CA ALA A 183 2.11 -12.25 -32.32
C ALA A 183 2.66 -11.00 -33.01
N VAL A 184 1.98 -9.86 -32.85
CA VAL A 184 2.42 -8.63 -33.52
C VAL A 184 3.71 -8.13 -32.90
N ASP A 185 3.87 -8.35 -31.59
CA ASP A 185 5.07 -7.94 -30.86
C ASP A 185 6.27 -8.80 -31.23
N ILE A 186 6.02 -10.09 -31.47
CA ILE A 186 7.04 -11.02 -31.96
C ILE A 186 7.57 -10.64 -33.34
N TRP A 187 6.65 -10.25 -34.23
CA TRP A 187 7.00 -9.79 -35.57
C TRP A 187 7.99 -8.64 -35.52
N SER A 188 7.69 -7.66 -34.67
CA SER A 188 8.54 -6.49 -34.48
C SER A 188 9.96 -6.87 -34.10
N LEU A 189 10.08 -7.70 -33.06
CA LEU A 189 11.39 -8.16 -32.63
C LEU A 189 12.14 -8.87 -33.75
N GLY A 190 11.40 -9.65 -34.54
CA GLY A 190 11.95 -10.33 -35.71
C GLY A 190 12.59 -9.35 -36.68
N CYS A 191 11.87 -8.27 -36.99
CA CYS A 191 12.34 -7.23 -37.89
C CYS A 191 13.60 -6.51 -37.36
N ILE A 192 13.59 -6.26 -36.05
CA ILE A 192 14.73 -5.67 -35.33
C ILE A 192 15.91 -6.66 -35.28
N PHE A 193 15.62 -7.93 -35.03
CA PHE A 193 16.63 -8.99 -35.02
C PHE A 193 17.39 -9.05 -36.35
N ALA A 194 16.65 -9.04 -37.45
CA ALA A 194 17.25 -9.05 -38.78
C ALA A 194 18.03 -7.77 -39.06
N GLU A 195 17.53 -6.65 -38.54
CA GLU A 195 18.17 -5.35 -38.75
C GLU A 195 19.51 -5.23 -38.03
N MET A 196 19.58 -5.80 -36.83
CA MET A 196 20.84 -5.88 -36.10
C MET A 196 21.87 -6.70 -36.88
N VAL A 197 21.40 -7.78 -37.49
CA VAL A 197 22.23 -8.70 -38.27
C VAL A 197 22.73 -8.05 -39.58
N THR A 198 21.85 -7.38 -40.31
CA THR A 198 22.16 -6.89 -41.66
C THR A 198 22.65 -5.43 -41.72
N ARG A 199 22.42 -4.67 -40.66
CA ARG A 199 22.77 -3.24 -40.60
C ARG A 199 21.82 -2.40 -41.45
N ARG A 200 20.82 -3.06 -42.03
CA ARG A 200 19.81 -2.40 -42.84
C ARG A 200 18.42 -2.90 -42.40
N ALA A 201 17.41 -2.03 -42.50
CA ALA A 201 16.05 -2.39 -42.10
C ALA A 201 15.48 -3.46 -43.01
N LEU A 202 14.79 -4.43 -42.43
CA LEU A 202 14.28 -5.57 -43.20
C LEU A 202 13.19 -5.16 -44.21
N PHE A 203 12.16 -4.47 -43.73
CA PHE A 203 11.10 -3.99 -44.62
C PHE A 203 10.87 -2.48 -44.44
N PRO A 204 11.60 -1.65 -45.21
CA PRO A 204 11.44 -0.20 -45.09
C PRO A 204 10.46 0.36 -46.11
N GLY A 205 9.17 0.38 -45.76
CA GLY A 205 8.13 0.78 -46.70
C GLY A 205 7.81 2.27 -46.69
N ASP A 206 7.46 2.78 -47.88
CA ASP A 206 6.99 4.16 -48.04
C ASP A 206 5.58 4.25 -47.48
N SER A 207 4.67 3.49 -48.09
CA SER A 207 3.26 3.49 -47.75
C SER A 207 2.83 2.15 -47.17
N GLU A 208 1.53 2.04 -46.87
CA GLU A 208 0.96 0.82 -46.31
C GLU A 208 1.08 -0.33 -47.28
N ILE A 209 0.82 -0.05 -48.55
CA ILE A 209 0.86 -1.06 -49.60
C ILE A 209 2.30 -1.41 -50.01
N ASP A 210 3.21 -0.44 -49.91
CA ASP A 210 4.63 -0.65 -50.16
C ASP A 210 5.20 -1.57 -49.09
N GLN A 211 4.82 -1.32 -47.84
CA GLN A 211 5.22 -2.15 -46.70
C GLN A 211 4.78 -3.60 -46.91
N LEU A 212 3.50 -3.76 -47.24
CA LEU A 212 2.93 -5.06 -47.49
C LEU A 212 3.70 -5.83 -48.57
N PHE A 213 3.90 -5.20 -49.72
CA PHE A 213 4.59 -5.82 -50.86
C PHE A 213 6.04 -6.19 -50.55
N ARG A 214 6.70 -5.39 -49.71
CA ARG A 214 8.07 -5.67 -49.30
C ARG A 214 8.13 -6.94 -48.45
N ILE A 215 7.10 -7.14 -47.63
CA ILE A 215 6.97 -8.37 -46.84
C ILE A 215 6.67 -9.56 -47.77
N PHE A 216 5.95 -9.30 -48.85
CA PHE A 216 5.60 -10.34 -49.80
C PHE A 216 6.78 -10.73 -50.69
N ARG A 217 7.58 -9.75 -51.11
CA ARG A 217 8.73 -10.01 -51.99
C ARG A 217 9.80 -10.88 -51.34
N THR A 218 9.96 -10.72 -50.03
CA THR A 218 10.97 -11.44 -49.27
C THR A 218 10.46 -12.78 -48.79
N LEU A 219 9.29 -12.79 -48.14
CA LEU A 219 8.78 -14.02 -47.51
C LEU A 219 7.80 -14.79 -48.41
N GLY A 220 7.57 -14.27 -49.61
CA GLY A 220 6.62 -14.88 -50.53
C GLY A 220 5.20 -14.46 -50.23
N THR A 221 4.41 -14.28 -51.27
CA THR A 221 3.00 -13.90 -51.11
C THR A 221 2.23 -15.01 -50.42
N PRO A 222 1.55 -14.70 -49.31
CA PRO A 222 0.79 -15.69 -48.57
C PRO A 222 -0.43 -16.18 -49.34
N ASP A 223 -0.74 -17.46 -49.17
CA ASP A 223 -1.98 -18.04 -49.71
C ASP A 223 -2.68 -18.89 -48.65
N GLU A 224 -3.65 -19.69 -49.09
CA GLU A 224 -4.47 -20.45 -48.16
C GLU A 224 -3.72 -21.63 -47.54
N VAL A 225 -2.74 -22.16 -48.28
CA VAL A 225 -1.90 -23.25 -47.79
C VAL A 225 -1.03 -22.76 -46.65
N VAL A 226 -0.46 -21.57 -46.81
CA VAL A 226 0.44 -20.96 -45.83
C VAL A 226 -0.32 -20.40 -44.63
N TRP A 227 -1.35 -19.60 -44.92
CA TRP A 227 -2.06 -18.83 -43.89
C TRP A 227 -3.58 -18.84 -44.16
N PRO A 228 -4.30 -19.81 -43.58
CA PRO A 228 -5.73 -20.05 -43.84
C PRO A 228 -6.61 -18.86 -43.47
N GLY A 229 -7.31 -18.31 -44.46
CA GLY A 229 -8.18 -17.16 -44.26
C GLY A 229 -7.60 -15.85 -44.76
N VAL A 230 -6.40 -15.94 -45.35
CA VAL A 230 -5.69 -14.77 -45.90
C VAL A 230 -6.53 -13.98 -46.91
N THR A 231 -7.19 -14.69 -47.82
CA THR A 231 -7.88 -14.05 -48.92
C THR A 231 -9.21 -13.41 -48.50
N SER A 232 -9.74 -13.85 -47.36
CA SER A 232 -11.02 -13.34 -46.85
C SER A 232 -10.88 -12.07 -46.02
N MET A 233 -9.63 -11.71 -45.70
CA MET A 233 -9.36 -10.54 -44.87
C MET A 233 -9.67 -9.25 -45.61
N PRO A 234 -10.04 -8.22 -44.86
CA PRO A 234 -10.74 -7.06 -45.43
C PRO A 234 -9.90 -6.35 -46.49
N ASP A 235 -8.59 -6.27 -46.26
CA ASP A 235 -7.72 -5.43 -47.07
C ASP A 235 -6.89 -6.28 -48.04
N TYR A 236 -7.23 -7.55 -48.13
CA TYR A 236 -6.63 -8.43 -49.15
C TYR A 236 -7.30 -8.14 -50.49
N LYS A 237 -6.50 -8.19 -51.54
CA LYS A 237 -7.00 -8.03 -52.89
C LYS A 237 -6.57 -9.21 -53.77
N PRO A 238 -7.51 -9.75 -54.57
CA PRO A 238 -7.18 -10.88 -55.45
C PRO A 238 -6.02 -10.53 -56.38
N SER A 239 -5.97 -9.27 -56.81
CA SER A 239 -4.96 -8.80 -57.74
C SER A 239 -3.59 -8.54 -57.09
N PHE A 240 -3.36 -9.15 -55.93
CA PHE A 240 -2.04 -9.10 -55.30
C PHE A 240 -1.01 -9.88 -56.13
N PRO A 241 0.11 -9.22 -56.47
CA PRO A 241 1.24 -9.87 -57.13
C PRO A 241 1.70 -11.09 -56.34
N LYS A 242 1.98 -12.19 -57.04
CA LYS A 242 2.39 -13.41 -56.36
C LYS A 242 3.89 -13.71 -56.47
N TRP A 243 4.61 -13.26 -55.45
CA TRP A 243 6.05 -13.46 -55.36
C TRP A 243 6.40 -14.78 -54.71
N ALA A 244 7.57 -15.31 -55.06
CA ALA A 244 8.09 -16.52 -54.43
C ALA A 244 8.87 -16.16 -53.18
N ARG A 245 8.88 -17.05 -52.21
CA ARG A 245 9.67 -16.89 -50.98
C ARG A 245 11.16 -16.94 -51.30
N GLN A 246 11.94 -16.14 -50.60
CA GLN A 246 13.38 -16.05 -50.86
C GLN A 246 14.25 -16.78 -49.85
N ASP A 247 15.34 -17.35 -50.37
CA ASP A 247 16.32 -18.09 -49.59
C ASP A 247 16.88 -17.22 -48.46
N PHE A 248 16.61 -17.63 -47.23
CA PHE A 248 16.97 -16.84 -46.04
C PHE A 248 18.46 -16.55 -45.89
N SER A 249 19.29 -17.38 -46.51
CA SER A 249 20.73 -17.17 -46.51
C SER A 249 21.12 -15.99 -47.42
N LYS A 250 20.17 -15.50 -48.21
CA LYS A 250 20.35 -14.29 -49.00
C LYS A 250 19.63 -13.08 -48.38
N VAL A 251 18.80 -13.34 -47.38
CA VAL A 251 18.09 -12.28 -46.64
C VAL A 251 18.93 -11.85 -45.43
N VAL A 252 19.32 -12.81 -44.61
CA VAL A 252 20.23 -12.59 -43.47
C VAL A 252 21.49 -13.46 -43.57
N PRO A 253 22.45 -13.09 -44.46
CA PRO A 253 23.65 -13.90 -44.73
C PRO A 253 24.51 -14.30 -43.51
N PRO A 254 24.81 -13.34 -42.59
CA PRO A 254 25.73 -13.70 -41.50
C PRO A 254 25.16 -14.61 -40.41
N LEU A 255 23.87 -14.92 -40.47
CA LEU A 255 23.22 -15.81 -39.49
C LEU A 255 23.44 -17.27 -39.80
N ASP A 256 23.64 -18.06 -38.75
CA ASP A 256 23.78 -19.52 -38.87
C ASP A 256 22.40 -20.17 -38.99
N GLU A 257 22.39 -21.49 -39.13
CA GLU A 257 21.15 -22.24 -39.31
C GLU A 257 20.12 -21.98 -38.21
N ASP A 258 20.58 -21.98 -36.95
CA ASP A 258 19.71 -21.67 -35.80
C ASP A 258 19.11 -20.28 -35.89
N GLY A 259 19.96 -19.30 -36.23
CA GLY A 259 19.53 -17.92 -36.37
C GLY A 259 18.43 -17.75 -37.41
N ARG A 260 18.61 -18.42 -38.54
CA ARG A 260 17.62 -18.42 -39.61
C ARG A 260 16.37 -19.19 -39.19
N SER A 261 16.56 -20.24 -38.39
CA SER A 261 15.45 -21.06 -37.91
C SER A 261 14.52 -20.24 -37.03
N LEU A 262 15.11 -19.52 -36.07
CA LEU A 262 14.33 -18.66 -35.19
C LEU A 262 13.66 -17.53 -35.94
N LEU A 263 14.41 -16.89 -36.85
CA LEU A 263 13.92 -15.71 -37.58
C LEU A 263 12.67 -15.98 -38.42
N SER A 264 12.63 -17.13 -39.09
CA SER A 264 11.48 -17.48 -39.91
C SER A 264 10.28 -17.83 -39.04
N GLN A 265 10.54 -18.40 -37.86
CA GLN A 265 9.50 -18.66 -36.88
C GLN A 265 8.96 -17.36 -36.29
N MET A 266 9.84 -16.38 -36.09
CA MET A 266 9.42 -15.06 -35.63
C MET A 266 8.67 -14.28 -36.71
N LEU A 267 8.99 -14.55 -37.98
CA LEU A 267 8.31 -13.91 -39.10
C LEU A 267 7.30 -14.85 -39.78
N HIS A 268 6.82 -15.84 -39.04
CA HIS A 268 5.80 -16.74 -39.56
C HIS A 268 4.53 -15.97 -39.94
N TYR A 269 3.94 -16.28 -41.09
CA TYR A 269 2.80 -15.52 -41.62
C TYR A 269 1.57 -15.56 -40.75
N ASP A 270 1.11 -16.77 -40.43
CA ASP A 270 -0.03 -16.97 -39.56
C ASP A 270 0.30 -16.52 -38.14
N PRO A 271 -0.42 -15.51 -37.61
CA PRO A 271 -0.21 -15.06 -36.24
C PRO A 271 -0.52 -16.13 -35.19
N ASN A 272 -1.37 -17.10 -35.53
CA ASN A 272 -1.70 -18.22 -34.66
C ASN A 272 -0.57 -19.22 -34.52
N LYS A 273 0.29 -19.29 -35.54
CA LYS A 273 1.39 -20.26 -35.53
C LYS A 273 2.76 -19.59 -35.44
N ARG A 274 2.78 -18.26 -35.36
CA ARG A 274 4.01 -17.52 -35.13
C ARG A 274 4.53 -17.87 -33.74
N ILE A 275 5.84 -18.00 -33.61
CA ILE A 275 6.45 -18.40 -32.35
C ILE A 275 6.15 -17.37 -31.26
N SER A 276 5.80 -17.86 -30.07
CA SER A 276 5.59 -16.99 -28.92
C SER A 276 6.94 -16.61 -28.32
N ALA A 277 6.97 -15.52 -27.56
CA ALA A 277 8.17 -15.08 -26.88
C ALA A 277 8.69 -16.19 -25.97
N LYS A 278 7.77 -16.79 -25.22
CA LYS A 278 8.10 -17.87 -24.29
C LYS A 278 8.82 -19.02 -25.01
N ALA A 279 8.28 -19.46 -26.14
CA ALA A 279 8.84 -20.57 -26.90
C ALA A 279 10.18 -20.22 -27.52
N ALA A 280 10.31 -18.97 -27.98
CA ALA A 280 11.53 -18.48 -28.63
C ALA A 280 12.73 -18.57 -27.70
N LEU A 281 12.50 -18.34 -26.41
CA LEU A 281 13.55 -18.38 -25.40
C LEU A 281 14.19 -19.76 -25.28
N ALA A 282 13.42 -20.79 -25.61
CA ALA A 282 13.88 -22.16 -25.52
C ALA A 282 14.44 -22.70 -26.85
N HIS A 283 14.58 -21.82 -27.84
CA HIS A 283 15.09 -22.20 -29.16
C HIS A 283 16.59 -22.52 -29.10
N PRO A 284 17.03 -23.58 -29.80
CA PRO A 284 18.45 -24.00 -29.89
C PRO A 284 19.45 -22.84 -30.07
N PHE A 285 18.97 -21.72 -30.60
CA PHE A 285 19.79 -20.53 -30.86
C PHE A 285 20.42 -19.92 -29.60
N PHE A 286 19.68 -19.97 -28.48
CA PHE A 286 20.13 -19.35 -27.22
C PHE A 286 20.81 -20.32 -26.25
N GLN A 287 21.32 -21.43 -26.77
CA GLN A 287 21.92 -22.47 -25.92
C GLN A 287 23.26 -22.04 -25.32
N ASP A 288 23.94 -21.09 -25.96
CA ASP A 288 25.25 -20.63 -25.53
C ASP A 288 25.28 -19.13 -25.28
N VAL A 289 24.10 -18.54 -25.10
CA VAL A 289 23.97 -17.10 -24.86
C VAL A 289 24.77 -16.66 -23.63
N THR A 290 25.47 -15.53 -23.77
CA THR A 290 26.13 -14.89 -22.65
C THR A 290 25.61 -13.46 -22.54
N LYS A 291 26.31 -12.61 -21.78
CA LYS A 291 25.89 -11.23 -21.64
C LYS A 291 27.05 -10.28 -21.94
N PRO A 292 27.41 -10.11 -23.23
CA PRO A 292 28.51 -9.24 -23.61
C PRO A 292 28.22 -7.77 -23.32
N VAL A 293 29.29 -6.99 -23.21
CA VAL A 293 29.22 -5.56 -22.95
C VAL A 293 29.38 -4.76 -24.25
N PRO A 294 28.47 -3.79 -24.50
CA PRO A 294 28.56 -2.99 -25.71
C PRO A 294 29.54 -1.84 -25.54
N HIS A 295 30.03 -1.31 -26.65
CA HIS A 295 30.85 -0.11 -26.62
C HIS A 295 29.99 1.08 -27.06
N LEU A 296 29.60 1.91 -26.10
CA LEU A 296 28.72 3.04 -26.35
C LEU A 296 29.49 4.34 -26.53
N ARG A 297 29.14 5.08 -27.59
CA ARG A 297 29.77 6.34 -27.92
C ARG A 297 29.25 7.49 -27.07
N LEU A 298 29.92 8.65 -27.19
CA LEU A 298 29.51 9.94 -26.59
C LEU A 298 29.26 9.94 -25.08
N PRO B 4 -1.98 -18.05 -27.42
CA PRO B 4 -1.88 -19.50 -27.17
C PRO B 4 -1.13 -19.89 -25.87
N ASP B 5 0.16 -19.57 -25.77
CA ASP B 5 1.01 -19.99 -24.64
C ASP B 5 0.77 -19.20 -23.33
N TYR B 6 0.56 -17.89 -23.48
CA TYR B 6 0.43 -16.98 -22.33
C TYR B 6 -0.88 -17.15 -21.54
N HIS B 7 -1.87 -17.82 -22.13
CA HIS B 7 -3.22 -17.93 -21.57
C HIS B 7 -3.32 -18.45 -20.14
N GLU B 8 -2.63 -19.57 -19.88
CA GLU B 8 -2.68 -20.20 -18.57
C GLU B 8 -1.99 -19.32 -17.51
N ASP B 9 -0.96 -18.59 -17.92
CA ASP B 9 -0.29 -17.60 -17.05
C ASP B 9 -1.19 -16.41 -16.75
N ILE B 10 -1.95 -15.96 -17.76
CA ILE B 10 -2.85 -14.82 -17.63
C ILE B 10 -4.00 -15.12 -16.65
N HIS B 11 -4.51 -16.35 -16.70
CA HIS B 11 -5.53 -16.77 -15.74
C HIS B 11 -5.00 -16.71 -14.30
N THR B 12 -3.82 -17.31 -14.08
CA THR B 12 -3.16 -17.29 -12.78
C THR B 12 -2.89 -15.87 -12.29
N TYR B 13 -2.44 -15.01 -13.20
CA TYR B 13 -2.18 -13.61 -12.87
C TYR B 13 -3.45 -12.82 -12.60
N LEU B 14 -4.45 -12.97 -13.45
CA LEU B 14 -5.74 -12.30 -13.22
C LEU B 14 -6.41 -12.77 -11.93
N ARG B 15 -6.24 -14.05 -11.62
CA ARG B 15 -6.79 -14.62 -10.38
C ARG B 15 -6.20 -13.98 -9.13
N GLU B 16 -4.89 -13.71 -9.19
CA GLU B 16 -4.17 -13.05 -8.11
C GLU B 16 -4.57 -11.58 -7.99
N MET B 17 -4.80 -10.94 -9.14
CA MET B 17 -5.07 -9.51 -9.21
C MET B 17 -6.46 -9.09 -8.73
N GLU B 18 -7.41 -10.01 -8.74
CA GLU B 18 -8.79 -9.71 -8.32
C GLU B 18 -8.92 -9.67 -6.80
N VAL B 19 -8.02 -10.35 -6.11
CA VAL B 19 -7.96 -10.32 -4.65
C VAL B 19 -7.56 -8.92 -4.17
N LYS B 20 -6.59 -8.32 -4.86
CA LYS B 20 -6.07 -6.99 -4.49
C LYS B 20 -7.02 -5.85 -4.90
N CYS B 21 -7.49 -5.88 -6.15
CA CYS B 21 -8.42 -4.86 -6.66
C CYS B 21 -9.87 -5.10 -6.20
N LYS B 22 -10.04 -5.65 -4.98
CA LYS B 22 -11.36 -5.96 -4.44
C LYS B 22 -11.82 -4.89 -3.45
N PRO B 23 -13.05 -4.37 -3.61
CA PRO B 23 -13.62 -3.37 -2.70
C PRO B 23 -14.02 -4.00 -1.37
N LYS B 24 -14.17 -3.17 -0.33
CA LYS B 24 -14.66 -3.62 0.97
C LYS B 24 -16.07 -4.17 0.81
N VAL B 25 -16.30 -5.36 1.36
CA VAL B 25 -17.57 -6.08 1.14
C VAL B 25 -18.79 -5.26 1.59
N GLY B 26 -18.86 -4.93 2.88
CA GLY B 26 -19.96 -4.15 3.42
C GLY B 26 -19.61 -2.68 3.58
N TYR B 27 -19.22 -2.04 2.48
CA TYR B 27 -18.81 -0.64 2.50
C TYR B 27 -20.00 0.34 2.52
N MET B 28 -21.16 -0.11 2.06
CA MET B 28 -22.32 0.75 1.94
C MET B 28 -22.90 1.18 3.29
N LYS B 29 -22.72 0.33 4.30
CA LYS B 29 -23.18 0.64 5.66
C LYS B 29 -22.32 1.71 6.34
N LYS B 30 -21.11 1.89 5.82
CA LYS B 30 -20.19 2.93 6.28
C LYS B 30 -20.35 4.23 5.47
N GLN B 31 -21.25 4.19 4.49
CA GLN B 31 -21.59 5.36 3.68
C GLN B 31 -22.90 5.95 4.17
N PRO B 32 -22.82 7.05 4.94
CA PRO B 32 -23.97 7.55 5.70
C PRO B 32 -25.09 8.18 4.86
N ASP B 33 -24.74 8.73 3.69
CA ASP B 33 -25.73 9.44 2.86
C ASP B 33 -26.25 8.63 1.68
N ILE B 34 -25.55 7.55 1.31
CA ILE B 34 -25.98 6.72 0.18
C ILE B 34 -26.30 5.27 0.60
N THR B 35 -27.11 4.59 -0.23
CA THR B 35 -27.48 3.18 -0.01
C THR B 35 -27.31 2.39 -1.29
N ASN B 36 -27.39 1.06 -1.19
CA ASN B 36 -27.32 0.17 -2.36
C ASN B 36 -28.26 0.57 -3.49
N SER B 37 -29.47 0.99 -3.11
CA SER B 37 -30.46 1.51 -4.05
C SER B 37 -29.88 2.55 -5.01
N MET B 38 -29.24 3.58 -4.46
CA MET B 38 -28.73 4.71 -5.23
C MET B 38 -27.59 4.31 -6.14
N ARG B 39 -26.82 3.31 -5.71
CA ARG B 39 -25.72 2.77 -6.48
C ARG B 39 -26.27 2.03 -7.69
N ALA B 40 -27.35 1.27 -7.47
CA ALA B 40 -28.05 0.57 -8.53
C ALA B 40 -28.48 1.53 -9.64
N ILE B 41 -29.17 2.60 -9.25
CA ILE B 41 -29.62 3.65 -10.17
C ILE B 41 -28.46 4.20 -11.01
N LEU B 42 -27.33 4.48 -10.36
CA LEU B 42 -26.15 4.99 -11.03
C LEU B 42 -25.59 3.98 -12.04
N VAL B 43 -25.40 2.74 -11.61
CA VAL B 43 -24.84 1.69 -12.46
C VAL B 43 -25.74 1.48 -13.68
N ASP B 44 -27.05 1.42 -13.44
CA ASP B 44 -28.05 1.29 -14.51
C ASP B 44 -27.96 2.45 -15.50
N TRP B 45 -27.75 3.66 -14.97
CA TRP B 45 -27.57 4.84 -15.79
C TRP B 45 -26.32 4.72 -16.65
N LEU B 46 -25.25 4.17 -16.07
CA LEU B 46 -24.00 3.95 -16.80
C LEU B 46 -24.14 2.96 -17.96
N VAL B 47 -25.06 2.00 -17.82
CA VAL B 47 -25.35 1.04 -18.89
C VAL B 47 -25.95 1.78 -20.08
N GLU B 48 -26.90 2.67 -19.80
CA GLU B 48 -27.50 3.56 -20.79
C GLU B 48 -26.46 4.45 -21.45
N VAL B 49 -25.63 5.09 -20.62
CA VAL B 49 -24.48 5.85 -21.08
C VAL B 49 -23.63 5.00 -22.03
N GLY B 50 -23.40 3.75 -21.63
CA GLY B 50 -22.59 2.81 -22.39
C GLY B 50 -23.18 2.48 -23.75
N GLU B 51 -24.48 2.25 -23.77
CA GLU B 51 -25.19 1.95 -25.01
C GLU B 51 -25.36 3.20 -25.89
N GLU B 52 -25.54 4.35 -25.24
CA GLU B 52 -25.66 5.64 -25.93
C GLU B 52 -24.41 5.95 -26.77
N TYR B 53 -23.23 5.79 -26.17
CA TYR B 53 -21.98 6.12 -26.85
C TYR B 53 -21.31 4.89 -27.45
N LYS B 54 -22.06 3.80 -27.55
CA LYS B 54 -21.57 2.51 -28.05
C LYS B 54 -20.19 2.12 -27.54
N LEU B 55 -20.03 2.16 -26.22
CA LEU B 55 -18.78 1.80 -25.56
C LEU B 55 -18.77 0.30 -25.28
N GLN B 56 -17.57 -0.29 -25.21
CA GLN B 56 -17.42 -1.72 -24.91
C GLN B 56 -18.02 -2.06 -23.55
N ASN B 57 -18.45 -3.31 -23.38
CA ASN B 57 -18.95 -3.76 -22.09
C ASN B 57 -17.86 -3.78 -21.02
N GLU B 58 -16.62 -3.97 -21.45
CA GLU B 58 -15.48 -3.95 -20.54
C GLU B 58 -15.30 -2.58 -19.88
N THR B 59 -15.54 -1.51 -20.64
CA THR B 59 -15.48 -0.14 -20.11
C THR B 59 -16.45 0.03 -18.94
N LEU B 60 -17.70 -0.42 -19.14
CA LEU B 60 -18.72 -0.37 -18.10
C LEU B 60 -18.27 -1.13 -16.86
N HIS B 61 -17.74 -2.33 -17.06
CA HIS B 61 -17.26 -3.17 -15.96
C HIS B 61 -16.19 -2.49 -15.10
N LEU B 62 -15.16 -1.96 -15.77
CA LEU B 62 -14.10 -1.22 -15.11
C LEU B 62 -14.66 -0.06 -14.31
N ALA B 63 -15.51 0.74 -14.94
CA ALA B 63 -16.09 1.92 -14.33
C ALA B 63 -16.70 1.57 -12.97
N VAL B 64 -17.41 0.46 -12.91
CA VAL B 64 -18.02 -0.01 -11.66
C VAL B 64 -16.97 -0.39 -10.62
N ASN B 65 -15.99 -1.20 -11.03
CA ASN B 65 -14.86 -1.56 -10.18
C ASN B 65 -14.25 -0.32 -9.53
N TYR B 66 -14.02 0.71 -10.35
CA TYR B 66 -13.45 1.97 -9.85
C TYR B 66 -14.37 2.62 -8.84
N ILE B 67 -15.66 2.72 -9.18
CA ILE B 67 -16.67 3.32 -8.32
C ILE B 67 -16.69 2.65 -6.96
N ASP B 68 -16.77 1.32 -6.95
CA ASP B 68 -16.84 0.54 -5.72
C ASP B 68 -15.60 0.69 -4.86
N ARG B 69 -14.43 0.77 -5.49
CA ARG B 69 -13.17 0.98 -4.80
C ARG B 69 -13.07 2.40 -4.25
N PHE B 70 -13.41 3.39 -5.07
CA PHE B 70 -13.41 4.79 -4.64
C PHE B 70 -14.33 4.96 -3.43
N LEU B 71 -15.54 4.40 -3.52
CA LEU B 71 -16.51 4.49 -2.45
C LEU B 71 -16.15 3.65 -1.23
N SER B 72 -15.16 2.77 -1.38
CA SER B 72 -14.69 1.95 -0.26
C SER B 72 -13.86 2.75 0.74
N SER B 73 -13.31 3.88 0.30
CA SER B 73 -12.42 4.68 1.14
C SER B 73 -12.72 6.19 1.13
N MET B 74 -13.77 6.60 0.43
CA MET B 74 -14.18 8.00 0.38
C MET B 74 -15.67 8.17 0.68
N SER B 75 -15.99 8.95 1.71
CA SER B 75 -17.38 9.26 2.01
C SER B 75 -17.91 10.26 1.00
N VAL B 76 -19.00 9.89 0.34
CA VAL B 76 -19.60 10.74 -0.70
C VAL B 76 -21.08 11.01 -0.37
N LEU B 77 -21.45 12.29 -0.37
CA LEU B 77 -22.85 12.70 -0.25
C LEU B 77 -23.56 12.41 -1.57
N ARG B 78 -24.86 12.13 -1.50
CA ARG B 78 -25.64 11.67 -2.65
C ARG B 78 -25.56 12.57 -3.88
N GLY B 79 -25.56 13.88 -3.67
CA GLY B 79 -25.51 14.86 -4.74
C GLY B 79 -24.24 14.82 -5.58
N LYS B 80 -23.22 14.13 -5.07
CA LYS B 80 -21.93 14.04 -5.75
C LYS B 80 -21.62 12.63 -6.27
N LEU B 81 -22.49 11.68 -5.95
CA LEU B 81 -22.32 10.28 -6.38
C LEU B 81 -22.18 10.16 -7.90
N GLN B 82 -23.03 10.88 -8.63
CA GLN B 82 -22.99 10.86 -10.09
C GLN B 82 -21.68 11.42 -10.65
N LEU B 83 -21.16 12.48 -10.03
CA LEU B 83 -19.86 13.05 -10.41
C LEU B 83 -18.76 11.99 -10.27
N VAL B 84 -18.85 11.16 -9.23
CA VAL B 84 -17.96 10.02 -9.06
C VAL B 84 -18.14 9.04 -10.23
N GLY B 85 -19.40 8.67 -10.47
CA GLY B 85 -19.75 7.76 -11.55
C GLY B 85 -19.32 8.23 -12.92
N THR B 86 -19.46 9.53 -13.18
CA THR B 86 -19.11 10.11 -14.48
C THR B 86 -17.61 10.15 -14.69
N ALA B 87 -16.87 10.38 -13.62
CA ALA B 87 -15.40 10.41 -13.68
C ALA B 87 -14.84 9.00 -13.90
N ALA B 88 -15.40 8.03 -13.17
CA ALA B 88 -15.03 6.64 -13.33
C ALA B 88 -15.21 6.18 -14.79
N MET B 89 -16.37 6.49 -15.37
CA MET B 89 -16.66 6.15 -16.78
C MET B 89 -15.63 6.77 -17.73
N LEU B 90 -15.36 8.06 -17.55
CA LEU B 90 -14.39 8.78 -18.37
C LEU B 90 -13.02 8.10 -18.28
N LEU B 91 -12.62 7.74 -17.06
CA LEU B 91 -11.36 7.04 -16.83
C LEU B 91 -11.34 5.66 -17.46
N ALA B 92 -12.42 4.93 -17.27
CA ALA B 92 -12.58 3.60 -17.86
C ALA B 92 -12.53 3.69 -19.39
N SER B 93 -13.18 4.69 -19.94
CA SER B 93 -13.17 4.93 -21.38
C SER B 93 -11.76 5.20 -21.87
N LYS B 94 -11.01 5.99 -21.11
CA LYS B 94 -9.63 6.35 -21.46
C LYS B 94 -8.73 5.14 -21.45
N PHE B 95 -8.91 4.25 -20.47
CA PHE B 95 -8.14 3.02 -20.36
C PHE B 95 -8.49 2.00 -21.44
N GLU B 96 -9.78 1.92 -21.79
CA GLU B 96 -10.30 0.79 -22.56
C GLU B 96 -10.68 1.08 -24.01
N GLU B 97 -11.34 2.20 -24.28
CA GLU B 97 -11.81 2.56 -25.63
C GLU B 97 -10.67 3.00 -26.54
N ILE B 98 -10.76 2.67 -27.82
CA ILE B 98 -9.76 3.09 -28.80
C ILE B 98 -9.77 4.62 -28.97
N TYR B 99 -10.93 5.17 -29.37
CA TYR B 99 -11.16 6.60 -29.34
C TYR B 99 -12.16 6.92 -28.22
N PRO B 100 -11.68 7.41 -27.08
CA PRO B 100 -12.58 7.68 -25.95
C PRO B 100 -13.39 8.97 -26.15
N PRO B 101 -14.65 9.00 -25.66
CA PRO B 101 -15.50 10.20 -25.81
C PRO B 101 -14.88 11.43 -25.14
N GLU B 102 -15.05 12.60 -25.77
CA GLU B 102 -14.52 13.86 -25.25
C GLU B 102 -15.15 14.22 -23.93
N VAL B 103 -14.41 14.95 -23.08
CA VAL B 103 -14.90 15.32 -21.75
C VAL B 103 -16.21 16.09 -21.85
N ALA B 104 -16.28 17.04 -22.79
CA ALA B 104 -17.49 17.81 -23.04
C ALA B 104 -18.71 16.89 -23.15
N GLU B 105 -18.53 15.74 -23.78
CA GLU B 105 -19.60 14.75 -23.94
C GLU B 105 -20.07 14.19 -22.61
N PHE B 106 -19.14 13.88 -21.72
CA PHE B 106 -19.49 13.36 -20.39
C PHE B 106 -20.18 14.41 -19.52
N VAL B 107 -19.72 15.66 -19.65
CA VAL B 107 -20.34 16.81 -18.99
C VAL B 107 -21.80 16.95 -19.45
N TYR B 108 -22.01 16.68 -20.74
CA TYR B 108 -23.32 16.81 -21.36
C TYR B 108 -24.37 15.87 -20.76
N ILE B 109 -24.07 14.57 -20.75
CA ILE B 109 -25.01 13.53 -20.33
C ILE B 109 -25.43 13.56 -18.85
N THR B 110 -24.86 14.49 -18.09
CA THR B 110 -25.24 14.67 -16.70
C THR B 110 -26.37 15.69 -16.55
N ASP B 111 -26.97 16.08 -17.68
CA ASP B 111 -27.98 17.16 -17.73
C ASP B 111 -27.41 18.47 -17.20
N ASP B 112 -26.12 18.67 -17.45
CA ASP B 112 -25.37 19.83 -16.96
C ASP B 112 -25.47 20.05 -15.45
N THR B 113 -25.43 18.94 -14.70
CA THR B 113 -25.38 18.98 -13.24
C THR B 113 -24.01 19.53 -12.80
N TYR B 114 -22.96 19.03 -13.44
CA TYR B 114 -21.59 19.42 -13.11
C TYR B 114 -20.93 20.14 -14.28
N THR B 115 -19.94 20.98 -13.99
CA THR B 115 -19.17 21.67 -15.02
C THR B 115 -18.04 20.77 -15.51
N LYS B 116 -17.41 21.16 -16.63
CA LYS B 116 -16.24 20.46 -17.17
C LYS B 116 -15.11 20.40 -16.12
N LYS B 117 -14.88 21.53 -15.46
CA LYS B 117 -13.88 21.65 -14.40
C LYS B 117 -14.15 20.62 -13.29
N GLN B 118 -15.42 20.53 -12.88
CA GLN B 118 -15.84 19.60 -11.83
C GLN B 118 -15.56 18.13 -12.16
N VAL B 119 -15.76 17.75 -13.41
CA VAL B 119 -15.52 16.37 -13.85
C VAL B 119 -14.03 16.05 -13.88
N LEU B 120 -13.23 16.98 -14.39
CA LEU B 120 -11.79 16.79 -14.51
C LEU B 120 -11.07 16.81 -13.17
N ARG B 121 -11.54 17.65 -12.25
CA ARG B 121 -11.00 17.69 -10.88
C ARG B 121 -11.38 16.43 -10.11
N MET B 122 -12.53 15.86 -10.45
CA MET B 122 -12.96 14.58 -9.88
C MET B 122 -12.14 13.43 -10.43
N GLU B 123 -11.87 13.44 -11.74
CA GLU B 123 -11.05 12.43 -12.41
C GLU B 123 -9.68 12.34 -11.77
N HIS B 124 -9.10 13.51 -11.53
CA HIS B 124 -7.83 13.69 -10.84
C HIS B 124 -7.90 13.01 -9.46
N LEU B 125 -9.02 13.19 -8.76
CA LEU B 125 -9.18 12.67 -7.40
C LEU B 125 -9.41 11.16 -7.39
N VAL B 126 -10.16 10.66 -8.36
CA VAL B 126 -10.39 9.22 -8.49
C VAL B 126 -9.05 8.52 -8.77
N LEU B 127 -8.24 9.12 -9.64
CA LEU B 127 -6.91 8.60 -9.93
C LEU B 127 -6.04 8.51 -8.68
N LYS B 128 -6.06 9.57 -7.88
CA LYS B 128 -5.32 9.64 -6.62
C LYS B 128 -5.74 8.53 -5.66
N VAL B 129 -7.04 8.38 -5.48
CA VAL B 129 -7.61 7.40 -4.54
C VAL B 129 -7.31 5.96 -4.96
N LEU B 130 -7.42 5.69 -6.26
CA LEU B 130 -7.13 4.36 -6.80
C LEU B 130 -5.64 4.11 -7.02
N THR B 131 -4.84 5.17 -6.84
CA THR B 131 -3.39 5.18 -7.07
C THR B 131 -3.00 4.64 -8.44
N PHE B 132 -3.64 5.19 -9.48
CA PHE B 132 -3.41 4.84 -10.88
C PHE B 132 -3.58 3.36 -11.27
N ASP B 133 -3.99 2.53 -10.31
CA ASP B 133 -4.20 1.11 -10.56
C ASP B 133 -5.54 0.90 -11.24
N LEU B 134 -5.53 1.02 -12.56
CA LEU B 134 -6.77 0.98 -13.34
C LEU B 134 -6.93 -0.32 -14.13
N ALA B 135 -5.84 -1.04 -14.28
CA ALA B 135 -5.83 -2.31 -15.01
C ALA B 135 -6.55 -3.41 -14.24
N ALA B 136 -7.76 -3.10 -13.76
CA ALA B 136 -8.50 -4.01 -12.88
C ALA B 136 -9.09 -5.18 -13.66
N PRO B 137 -9.10 -6.39 -13.05
CA PRO B 137 -9.70 -7.58 -13.64
C PRO B 137 -11.21 -7.65 -13.41
N THR B 138 -11.97 -7.89 -14.48
CA THR B 138 -13.44 -7.84 -14.45
C THR B 138 -14.11 -9.22 -14.59
N VAL B 139 -15.42 -9.27 -14.35
CA VAL B 139 -16.20 -10.46 -14.61
C VAL B 139 -16.14 -10.79 -16.11
N ASN B 140 -16.23 -9.73 -16.92
CA ASN B 140 -16.11 -9.79 -18.37
C ASN B 140 -14.76 -10.36 -18.84
N GLN B 141 -13.67 -9.92 -18.21
CA GLN B 141 -12.34 -10.45 -18.50
C GLN B 141 -12.27 -11.94 -18.27
N PHE B 142 -12.88 -12.40 -17.19
CA PHE B 142 -12.91 -13.82 -16.87
C PHE B 142 -13.83 -14.60 -17.79
N LEU B 143 -14.97 -14.02 -18.13
CA LEU B 143 -15.90 -14.66 -19.05
C LEU B 143 -15.27 -14.96 -20.40
N THR B 144 -14.56 -13.99 -20.97
CA THR B 144 -13.95 -14.18 -22.30
C THR B 144 -12.85 -15.24 -22.26
N GLN B 145 -12.15 -15.33 -21.14
CA GLN B 145 -11.13 -16.35 -20.94
C GLN B 145 -11.78 -17.72 -20.79
N TYR B 146 -12.90 -17.76 -20.07
CA TYR B 146 -13.65 -19.00 -19.89
C TYR B 146 -14.24 -19.51 -21.20
N PHE B 147 -14.60 -18.59 -22.09
CA PHE B 147 -15.26 -18.95 -23.35
C PHE B 147 -14.39 -19.85 -24.24
N LEU B 148 -13.08 -19.76 -24.08
CA LEU B 148 -12.13 -20.57 -24.85
C LEU B 148 -12.21 -22.06 -24.52
N HIS B 149 -13.19 -22.43 -23.69
CA HIS B 149 -13.36 -23.81 -23.23
C HIS B 149 -14.69 -24.43 -23.66
N GLN B 150 -15.44 -23.72 -24.51
CA GLN B 150 -16.67 -24.27 -25.08
C GLN B 150 -16.32 -25.30 -26.14
N GLN B 151 -17.12 -26.37 -26.21
CA GLN B 151 -16.91 -27.41 -27.21
C GLN B 151 -18.17 -27.67 -28.06
N PRO B 152 -18.39 -26.86 -29.13
CA PRO B 152 -17.65 -25.68 -29.56
C PRO B 152 -18.33 -24.39 -29.11
N ALA B 153 -17.87 -23.25 -29.63
CA ALA B 153 -18.39 -21.94 -29.23
C ALA B 153 -19.85 -21.74 -29.65
N ASN B 154 -20.59 -21.06 -28.79
CA ASN B 154 -22.00 -20.76 -29.00
C ASN B 154 -22.29 -19.33 -28.53
N CYS B 155 -22.75 -18.50 -29.45
CA CYS B 155 -22.93 -17.07 -29.17
C CYS B 155 -24.13 -16.79 -28.28
N LYS B 156 -25.12 -17.67 -28.30
CA LYS B 156 -26.26 -17.56 -27.39
C LYS B 156 -25.77 -17.86 -25.97
N VAL B 157 -24.95 -18.89 -25.82
CA VAL B 157 -24.31 -19.20 -24.54
C VAL B 157 -23.53 -17.98 -24.04
N GLU B 158 -22.68 -17.42 -24.91
CA GLU B 158 -21.88 -16.25 -24.57
C GLU B 158 -22.76 -15.05 -24.20
N SER B 159 -23.67 -14.68 -25.10
CA SER B 159 -24.57 -13.54 -24.86
C SER B 159 -25.37 -13.63 -23.56
N LEU B 160 -25.78 -14.85 -23.18
CA LEU B 160 -26.48 -15.04 -21.91
C LEU B 160 -25.56 -14.83 -20.71
N ALA B 161 -24.37 -15.41 -20.75
CA ALA B 161 -23.40 -15.28 -19.67
C ALA B 161 -23.07 -13.83 -19.43
N MET B 162 -22.81 -13.10 -20.52
CA MET B 162 -22.52 -11.67 -20.49
C MET B 162 -23.65 -10.89 -19.81
N PHE B 163 -24.89 -11.18 -20.23
CA PHE B 163 -26.09 -10.57 -19.66
C PHE B 163 -26.15 -10.80 -18.15
N LEU B 164 -26.02 -12.06 -17.73
CA LEU B 164 -26.03 -12.39 -16.31
C LEU B 164 -24.92 -11.67 -15.54
N GLY B 165 -23.71 -11.71 -16.08
CA GLY B 165 -22.57 -11.05 -15.45
C GLY B 165 -22.76 -9.54 -15.37
N GLU B 166 -23.44 -9.00 -16.37
CA GLU B 166 -23.76 -7.57 -16.39
C GLU B 166 -24.77 -7.23 -15.31
N LEU B 167 -25.80 -8.08 -15.17
CA LEU B 167 -26.82 -7.92 -14.15
C LEU B 167 -26.25 -7.88 -12.73
N SER B 168 -25.11 -8.52 -12.50
CA SER B 168 -24.50 -8.58 -11.18
C SER B 168 -23.93 -7.23 -10.76
N LEU B 169 -23.61 -6.39 -11.74
CA LEU B 169 -23.07 -5.05 -11.49
C LEU B 169 -24.06 -4.13 -10.76
N ILE B 170 -25.36 -4.34 -11.01
CA ILE B 170 -26.41 -3.46 -10.50
C ILE B 170 -26.67 -3.60 -9.00
N ASP B 171 -26.63 -4.83 -8.50
CA ASP B 171 -26.97 -5.08 -7.11
C ASP B 171 -25.69 -5.32 -6.28
N ALA B 172 -25.33 -4.33 -5.47
CA ALA B 172 -24.17 -4.48 -4.59
C ALA B 172 -24.39 -5.61 -3.58
N ASP B 173 -25.64 -5.77 -3.16
CA ASP B 173 -26.10 -6.91 -2.35
C ASP B 173 -26.76 -7.88 -3.31
N PRO B 174 -26.24 -9.12 -3.42
CA PRO B 174 -25.14 -9.72 -2.67
C PRO B 174 -23.78 -9.75 -3.36
N TYR B 175 -23.66 -9.15 -4.55
CA TYR B 175 -22.57 -9.49 -5.47
C TYR B 175 -21.14 -9.04 -5.12
N LEU B 176 -21.02 -8.25 -4.06
CA LEU B 176 -19.69 -7.88 -3.58
C LEU B 176 -19.06 -9.01 -2.80
N LYS B 177 -19.88 -9.93 -2.29
CA LYS B 177 -19.42 -11.12 -1.58
C LYS B 177 -18.59 -12.04 -2.46
N TYR B 178 -18.66 -11.84 -3.77
CA TYR B 178 -18.04 -12.74 -4.73
C TYR B 178 -16.98 -12.05 -5.57
N LEU B 179 -15.83 -12.71 -5.70
CA LEU B 179 -14.79 -12.28 -6.63
C LEU B 179 -15.30 -12.33 -8.07
N PRO B 180 -14.81 -11.41 -8.93
CA PRO B 180 -15.18 -11.43 -10.35
C PRO B 180 -15.11 -12.81 -11.00
N SER B 181 -14.07 -13.59 -10.68
CA SER B 181 -13.89 -14.93 -11.27
C SER B 181 -15.00 -15.90 -10.87
N VAL B 182 -15.53 -15.73 -9.66
CA VAL B 182 -16.60 -16.61 -9.17
C VAL B 182 -17.96 -16.27 -9.81
N ILE B 183 -18.31 -14.98 -9.86
CA ILE B 183 -19.49 -14.53 -10.59
C ILE B 183 -19.44 -15.06 -12.03
N ALA B 184 -18.29 -14.90 -12.68
CA ALA B 184 -18.11 -15.36 -14.05
C ALA B 184 -18.33 -16.86 -14.20
N GLY B 185 -17.81 -17.63 -13.25
CA GLY B 185 -18.02 -19.08 -13.20
C GLY B 185 -19.50 -19.44 -13.08
N ALA B 186 -20.21 -18.72 -12.22
CA ALA B 186 -21.65 -18.92 -12.03
C ALA B 186 -22.40 -18.55 -13.30
N ALA B 187 -22.11 -17.36 -13.84
CA ALA B 187 -22.76 -16.88 -15.06
C ALA B 187 -22.57 -17.86 -16.22
N PHE B 188 -21.32 -18.32 -16.38
CA PHE B 188 -20.96 -19.22 -17.47
C PHE B 188 -21.66 -20.57 -17.36
N HIS B 189 -21.79 -21.09 -16.14
CA HIS B 189 -22.49 -22.35 -15.94
C HIS B 189 -24.00 -22.21 -16.20
N LEU B 190 -24.58 -21.13 -15.68
CA LEU B 190 -26.01 -20.87 -15.83
C LEU B 190 -26.42 -20.67 -17.30
N ALA B 191 -25.58 -19.94 -18.05
CA ALA B 191 -25.80 -19.74 -19.47
C ALA B 191 -25.67 -21.05 -20.23
N LEU B 192 -24.59 -21.79 -19.94
CA LEU B 192 -24.33 -23.08 -20.56
C LEU B 192 -25.43 -24.11 -20.26
N TYR B 193 -26.11 -23.93 -19.13
CA TYR B 193 -27.17 -24.84 -18.71
C TYR B 193 -28.53 -24.46 -19.31
N THR B 194 -28.81 -23.16 -19.40
CA THR B 194 -30.06 -22.67 -19.99
C THR B 194 -30.09 -22.91 -21.51
N VAL B 195 -28.93 -22.74 -22.16
CA VAL B 195 -28.84 -22.80 -23.62
C VAL B 195 -28.61 -24.20 -24.18
N THR B 196 -27.52 -24.85 -23.77
CA THR B 196 -27.17 -26.17 -24.30
C THR B 196 -27.56 -27.32 -23.37
N GLY B 197 -27.81 -26.99 -22.11
CA GLY B 197 -28.16 -28.00 -21.11
C GLY B 197 -26.95 -28.59 -20.42
N GLN B 198 -25.76 -28.19 -20.85
CA GLN B 198 -24.51 -28.69 -20.29
C GLN B 198 -24.16 -28.03 -18.96
N SER B 199 -23.06 -28.47 -18.35
CA SER B 199 -22.61 -27.93 -17.07
C SER B 199 -21.18 -27.38 -17.12
N TRP B 200 -20.78 -26.73 -16.02
CA TRP B 200 -19.42 -26.26 -15.79
C TRP B 200 -18.45 -27.37 -16.22
N PRO B 201 -17.68 -27.14 -17.30
CA PRO B 201 -16.89 -28.20 -17.96
C PRO B 201 -15.72 -28.70 -17.15
N GLU B 202 -15.31 -29.93 -17.39
CA GLU B 202 -14.23 -30.58 -16.66
C GLU B 202 -12.90 -29.83 -16.78
N SER B 203 -12.59 -29.37 -17.98
CA SER B 203 -11.35 -28.64 -18.23
C SER B 203 -11.24 -27.37 -17.40
N LEU B 204 -12.37 -26.68 -17.22
CA LEU B 204 -12.40 -25.45 -16.42
C LEU B 204 -12.32 -25.71 -14.92
N ILE B 205 -12.85 -26.84 -14.45
CA ILE B 205 -12.69 -27.27 -13.05
C ILE B 205 -11.22 -27.40 -12.72
N ARG B 206 -10.48 -28.11 -13.59
CA ARG B 206 -9.03 -28.27 -13.44
C ARG B 206 -8.29 -26.93 -13.50
N LYS B 207 -8.65 -26.07 -14.45
CA LYS B 207 -8.01 -24.77 -14.63
C LYS B 207 -8.28 -23.84 -13.45
N THR B 208 -9.55 -23.62 -13.11
CA THR B 208 -9.91 -22.66 -12.07
C THR B 208 -9.77 -23.19 -10.66
N GLY B 209 -9.95 -24.50 -10.50
CA GLY B 209 -9.95 -25.13 -9.18
C GLY B 209 -11.34 -25.19 -8.57
N TYR B 210 -12.26 -24.38 -9.11
CA TYR B 210 -13.64 -24.34 -8.64
C TYR B 210 -14.41 -25.58 -9.09
N THR B 211 -14.88 -26.36 -8.12
CA THR B 211 -15.81 -27.45 -8.39
C THR B 211 -17.19 -26.84 -8.60
N LEU B 212 -18.06 -27.53 -9.35
CA LEU B 212 -19.44 -27.09 -9.54
C LEU B 212 -20.10 -26.84 -8.19
N GLU B 213 -19.77 -27.69 -7.22
CA GLU B 213 -20.21 -27.55 -5.83
C GLU B 213 -19.88 -26.18 -5.25
N SER B 214 -18.62 -25.74 -5.39
CA SER B 214 -18.17 -24.48 -4.79
C SER B 214 -18.87 -23.26 -5.38
N LEU B 215 -19.24 -23.33 -6.66
CA LEU B 215 -19.93 -22.22 -7.30
C LEU B 215 -21.41 -22.09 -6.87
N LYS B 216 -21.89 -23.07 -6.08
CA LYS B 216 -23.30 -23.14 -5.68
C LYS B 216 -23.82 -21.87 -4.97
N PRO B 217 -23.18 -21.47 -3.85
CA PRO B 217 -23.65 -20.24 -3.17
C PRO B 217 -23.83 -19.05 -4.12
N CYS B 218 -22.91 -18.88 -5.08
CA CYS B 218 -23.03 -17.81 -6.08
C CYS B 218 -24.13 -18.08 -7.09
N LEU B 219 -24.25 -19.32 -7.54
CA LEU B 219 -25.27 -19.72 -8.50
C LEU B 219 -26.69 -19.50 -7.99
N MET B 220 -26.91 -19.83 -6.72
CA MET B 220 -28.21 -19.66 -6.09
C MET B 220 -28.65 -18.19 -6.11
N ASP B 221 -27.70 -17.29 -5.86
CA ASP B 221 -27.95 -15.85 -5.89
C ASP B 221 -28.21 -15.34 -7.30
N LEU B 222 -27.35 -15.74 -8.24
CA LEU B 222 -27.45 -15.29 -9.62
C LEU B 222 -28.75 -15.73 -10.27
N HIS B 223 -29.09 -17.01 -10.08
CA HIS B 223 -30.34 -17.60 -10.56
C HIS B 223 -31.54 -16.80 -10.06
N GLN B 224 -31.45 -16.31 -8.82
CA GLN B 224 -32.49 -15.47 -8.24
C GLN B 224 -32.65 -14.15 -8.99
N THR B 225 -31.54 -13.49 -9.29
CA THR B 225 -31.53 -12.23 -10.02
C THR B 225 -32.11 -12.41 -11.42
N TYR B 226 -31.75 -13.52 -12.06
CA TYR B 226 -32.23 -13.89 -13.39
C TYR B 226 -33.75 -14.10 -13.39
N LEU B 227 -34.23 -14.85 -12.41
CA LEU B 227 -35.66 -15.13 -12.27
C LEU B 227 -36.46 -13.87 -11.97
N LYS B 228 -35.89 -13.00 -11.14
CA LYS B 228 -36.58 -11.77 -10.73
C LYS B 228 -36.28 -10.58 -11.64
N ALA B 229 -35.36 -10.77 -12.60
CA ALA B 229 -34.90 -9.71 -13.52
C ALA B 229 -36.01 -8.87 -14.17
N PRO B 230 -37.07 -9.53 -14.70
CA PRO B 230 -38.20 -8.76 -15.24
C PRO B 230 -38.87 -7.78 -14.26
N GLN B 231 -38.86 -8.09 -12.96
CA GLN B 231 -39.50 -7.21 -11.97
C GLN B 231 -38.55 -6.21 -11.31
N HIS B 232 -37.26 -6.36 -11.57
CA HIS B 232 -36.24 -5.49 -10.97
C HIS B 232 -36.47 -4.02 -11.33
N ALA B 233 -36.12 -3.14 -10.40
CA ALA B 233 -36.34 -1.70 -10.55
C ALA B 233 -35.50 -1.06 -11.65
N GLN B 234 -34.37 -1.69 -11.98
CA GLN B 234 -33.45 -1.22 -13.01
C GLN B 234 -33.56 -2.10 -14.25
N GLN B 235 -33.83 -1.49 -15.40
CA GLN B 235 -34.17 -2.26 -16.60
C GLN B 235 -33.23 -2.10 -17.80
N SER B 236 -32.28 -1.16 -17.71
CA SER B 236 -31.38 -0.84 -18.83
C SER B 236 -30.72 -2.07 -19.46
N ILE B 237 -30.30 -3.01 -18.61
CA ILE B 237 -29.59 -4.20 -19.06
C ILE B 237 -30.50 -5.16 -19.85
N ARG B 238 -31.69 -5.42 -19.32
CA ARG B 238 -32.68 -6.27 -20.01
C ARG B 238 -33.05 -5.70 -21.38
N GLU B 239 -33.19 -4.37 -21.45
CA GLU B 239 -33.42 -3.67 -22.71
C GLU B 239 -32.24 -3.89 -23.65
N LYS B 240 -31.04 -3.65 -23.14
CA LYS B 240 -29.81 -3.81 -23.89
C LYS B 240 -29.72 -5.18 -24.56
N TYR B 241 -30.05 -6.23 -23.81
CA TYR B 241 -29.83 -7.61 -24.25
C TYR B 241 -31.00 -8.27 -24.95
N LYS B 242 -32.11 -7.55 -25.11
CA LYS B 242 -33.18 -8.05 -25.97
C LYS B 242 -32.92 -7.65 -27.43
N ASN B 243 -31.77 -7.02 -27.66
CA ASN B 243 -31.30 -6.66 -28.99
C ASN B 243 -30.88 -7.90 -29.78
N SER B 244 -31.06 -7.86 -31.09
CA SER B 244 -30.69 -8.95 -31.98
C SER B 244 -29.18 -9.20 -31.99
N LYS B 245 -28.41 -8.17 -31.66
CA LYS B 245 -26.95 -8.28 -31.54
C LYS B 245 -26.57 -9.29 -30.47
N TYR B 246 -27.27 -9.23 -29.33
CA TYR B 246 -27.04 -10.17 -28.22
C TYR B 246 -28.02 -11.35 -28.23
N HIS B 247 -28.59 -11.67 -29.41
CA HIS B 247 -29.47 -12.83 -29.58
C HIS B 247 -30.74 -12.80 -28.72
N GLY B 248 -31.14 -11.60 -28.29
CA GLY B 248 -32.34 -11.43 -27.47
C GLY B 248 -32.41 -12.33 -26.24
N VAL B 249 -31.25 -12.64 -25.67
CA VAL B 249 -31.14 -13.59 -24.56
C VAL B 249 -31.87 -13.19 -23.28
N SER B 250 -32.06 -11.88 -23.07
CA SER B 250 -32.80 -11.38 -21.91
C SER B 250 -34.28 -11.75 -21.97
N LEU B 251 -34.70 -12.32 -23.11
CA LEU B 251 -36.07 -12.80 -23.29
C LEU B 251 -36.18 -14.31 -23.10
N LEU B 252 -35.04 -14.98 -22.93
CA LEU B 252 -35.03 -16.44 -22.65
C LEU B 252 -35.50 -16.72 -21.24
N ASN B 253 -36.41 -17.69 -21.13
CA ASN B 253 -36.90 -18.15 -19.83
C ASN B 253 -35.81 -18.88 -19.04
N PRO B 254 -35.53 -18.42 -17.82
CA PRO B 254 -34.64 -19.12 -16.90
C PRO B 254 -35.22 -20.47 -16.48
N PRO B 255 -34.37 -21.48 -16.21
CA PRO B 255 -34.85 -22.78 -15.73
C PRO B 255 -35.37 -22.60 -14.32
N GLU B 256 -36.45 -23.30 -13.95
CA GLU B 256 -37.08 -23.03 -12.67
C GLU B 256 -36.26 -23.49 -11.46
N THR B 257 -35.53 -24.61 -11.63
CA THR B 257 -34.59 -25.08 -10.63
C THR B 257 -33.27 -25.45 -11.29
N LEU B 258 -32.17 -25.08 -10.66
CA LEU B 258 -30.83 -25.40 -11.16
C LEU B 258 -30.45 -26.85 -10.90
N ASN B 259 -31.22 -27.51 -10.02
CA ASN B 259 -31.03 -28.93 -9.71
C ASN B 259 -29.58 -29.30 -9.41
N LEU B 260 -28.97 -28.58 -8.47
CA LEU B 260 -27.57 -28.79 -8.09
C LEU B 260 -27.43 -29.78 -6.93
N MET C 1 -4.87 19.86 -2.17
CA MET C 1 -5.30 20.84 -1.12
C MET C 1 -6.24 21.91 -1.68
N GLU C 2 -6.17 22.14 -2.99
CA GLU C 2 -7.11 23.04 -3.66
C GLU C 2 -8.54 22.49 -3.63
N ASN C 3 -8.71 21.29 -3.08
CA ASN C 3 -9.99 20.58 -3.05
C ASN C 3 -10.88 20.89 -1.86
N PHE C 4 -10.32 21.59 -0.88
CA PHE C 4 -11.02 21.85 0.38
C PHE C 4 -11.53 23.27 0.54
N GLN C 5 -12.61 23.40 1.28
CA GLN C 5 -13.27 24.68 1.54
C GLN C 5 -13.34 24.93 3.04
N LYS C 6 -12.55 25.90 3.52
CA LYS C 6 -12.57 26.29 4.93
C LYS C 6 -13.92 26.94 5.24
N VAL C 7 -14.62 26.40 6.24
CA VAL C 7 -15.92 26.91 6.65
C VAL C 7 -15.80 27.82 7.88
N GLU C 8 -15.16 27.29 8.93
CA GLU C 8 -14.93 28.04 10.18
C GLU C 8 -13.89 27.37 11.06
N LYS C 9 -13.25 28.15 11.92
CA LYS C 9 -12.33 27.63 12.93
C LYS C 9 -13.11 26.90 14.03
N ILE C 10 -12.48 25.91 14.64
CA ILE C 10 -13.10 25.17 15.75
C ILE C 10 -12.09 24.90 16.89
N GLY C 11 -11.39 25.97 17.29
CA GLY C 11 -10.40 25.90 18.38
C GLY C 11 -9.01 25.47 17.96
N GLU C 12 -8.03 25.74 18.82
CA GLU C 12 -6.62 25.34 18.60
C GLU C 12 -6.17 24.38 19.71
N GLY C 13 -5.61 23.23 19.32
CA GLY C 13 -5.21 22.20 20.28
C GLY C 13 -3.92 21.45 19.93
N THR C 14 -2.91 21.60 20.80
CA THR C 14 -1.57 20.99 20.67
C THR C 14 -0.82 21.40 19.38
N TYR C 15 -1.10 20.70 18.27
CA TYR C 15 -0.44 20.95 16.99
C TYR C 15 -0.67 22.38 16.44
N GLY C 16 -1.90 22.88 16.55
CA GLY C 16 -2.24 24.21 16.06
C GLY C 16 -3.66 24.28 15.53
N VAL C 17 -4.07 25.49 15.12
CA VAL C 17 -5.46 25.84 14.74
C VAL C 17 -6.19 24.79 13.87
N VAL C 18 -7.39 24.41 14.30
CA VAL C 18 -8.20 23.40 13.61
C VAL C 18 -9.44 24.04 12.96
N TYR C 19 -9.67 23.69 11.69
CA TYR C 19 -10.79 24.23 10.91
C TYR C 19 -11.82 23.15 10.61
N LYS C 20 -13.08 23.55 10.55
CA LYS C 20 -14.13 22.75 9.95
C LYS C 20 -14.11 23.03 8.45
N ALA C 21 -14.05 21.97 7.64
CA ALA C 21 -13.89 22.14 6.20
C ALA C 21 -14.79 21.21 5.39
N ARG C 22 -15.03 21.60 4.15
CA ARG C 22 -15.84 20.84 3.20
C ARG C 22 -14.98 20.40 2.02
N ASN C 23 -15.16 19.14 1.62
CA ASN C 23 -14.51 18.61 0.44
C ASN C 23 -15.34 19.00 -0.79
N LYS C 24 -14.79 19.89 -1.61
CA LYS C 24 -15.54 20.46 -2.73
C LYS C 24 -16.12 19.42 -3.69
N LEU C 25 -15.46 18.28 -3.80
CA LEU C 25 -15.83 17.25 -4.77
C LEU C 25 -16.74 16.16 -4.21
N THR C 26 -16.41 15.61 -3.05
CA THR C 26 -17.19 14.53 -2.48
C THR C 26 -18.35 15.04 -1.62
N GLY C 27 -18.21 16.25 -1.08
CA GLY C 27 -19.20 16.84 -0.19
C GLY C 27 -18.97 16.49 1.26
N GLU C 28 -17.88 15.75 1.52
CA GLU C 28 -17.54 15.29 2.88
C GLU C 28 -17.11 16.45 3.79
N VAL C 29 -17.71 16.50 4.98
CA VAL C 29 -17.36 17.49 5.99
C VAL C 29 -16.26 16.93 6.89
N VAL C 30 -15.11 17.62 6.90
CA VAL C 30 -13.93 17.14 7.61
C VAL C 30 -13.41 18.16 8.63
N ALA C 31 -12.39 17.73 9.38
CA ALA C 31 -11.65 18.62 10.29
C ALA C 31 -10.20 18.75 9.81
N LEU C 32 -9.86 19.93 9.31
CA LEU C 32 -8.48 20.23 8.89
C LEU C 32 -7.68 20.71 10.08
N LYS C 33 -6.49 20.13 10.24
CA LYS C 33 -5.57 20.52 11.30
C LYS C 33 -4.31 21.11 10.64
N LYS C 34 -4.25 22.43 10.58
CA LYS C 34 -3.19 23.14 9.86
C LYS C 34 -1.90 23.26 10.69
N ILE C 35 -0.76 22.98 10.05
CA ILE C 35 0.55 23.13 10.69
C ILE C 35 1.53 23.88 9.78
N ARG C 36 1.94 25.07 10.22
CA ARG C 36 2.92 25.87 9.49
C ARG C 36 4.33 25.34 9.73
N LEU C 37 5.18 25.41 8.70
CA LEU C 37 6.56 24.93 8.79
C LEU C 37 7.55 26.06 8.49
N THR C 41 10.31 25.94 11.25
CA THR C 41 11.44 25.28 10.62
C THR C 41 12.29 24.49 11.65
N GLU C 42 11.63 23.53 12.29
CA GLU C 42 12.28 22.50 13.10
C GLU C 42 12.00 21.16 12.45
N GLY C 43 11.57 21.22 11.19
CA GLY C 43 11.06 20.06 10.46
C GLY C 43 9.62 19.79 10.84
N VAL C 44 9.17 18.56 10.61
CA VAL C 44 7.85 18.14 11.05
C VAL C 44 7.89 17.98 12.56
N PRO C 45 6.96 18.64 13.28
CA PRO C 45 6.89 18.62 14.74
C PRO C 45 6.67 17.22 15.34
N SER C 46 7.27 17.00 16.51
CA SER C 46 7.23 15.71 17.21
C SER C 46 5.82 15.20 17.46
N THR C 47 4.95 16.07 17.97
CA THR C 47 3.59 15.67 18.33
C THR C 47 2.82 15.24 17.09
N ALA C 48 3.11 15.89 15.97
CA ALA C 48 2.49 15.57 14.69
C ALA C 48 2.98 14.22 14.18
N ILE C 49 4.30 14.01 14.24
CA ILE C 49 4.93 12.76 13.86
C ILE C 49 4.38 11.58 14.65
N ARG C 50 4.13 11.79 15.93
CA ARG C 50 3.49 10.77 16.78
C ARG C 50 1.99 10.63 16.53
N GLU C 51 1.30 11.75 16.38
CA GLU C 51 -0.14 11.73 16.10
C GLU C 51 -0.44 10.97 14.80
N ILE C 52 0.24 11.33 13.71
CA ILE C 52 0.03 10.69 12.41
C ILE C 52 0.43 9.22 12.46
N SER C 53 1.63 8.96 12.96
CA SER C 53 2.21 7.61 12.97
C SER C 53 1.36 6.60 13.73
N LEU C 54 0.87 7.00 14.90
CA LEU C 54 0.07 6.12 15.75
C LEU C 54 -1.37 5.99 15.29
N LEU C 55 -1.95 7.12 14.87
CA LEU C 55 -3.37 7.18 14.52
C LEU C 55 -3.66 6.39 13.25
N LYS C 56 -2.67 6.31 12.36
CA LYS C 56 -2.76 5.47 11.18
C LYS C 56 -3.02 4.02 11.59
N GLU C 57 -2.40 3.60 12.69
CA GLU C 57 -2.54 2.25 13.21
C GLU C 57 -3.84 2.01 13.98
N LEU C 58 -4.47 3.10 14.42
CA LEU C 58 -5.65 3.01 15.28
C LEU C 58 -6.93 3.31 14.52
N ASN C 59 -7.41 2.31 13.80
CA ASN C 59 -8.71 2.40 13.15
C ASN C 59 -9.77 1.76 14.05
N HIS C 60 -10.75 2.55 14.48
CA HIS C 60 -11.80 2.11 15.42
C HIS C 60 -12.94 3.15 15.43
N PRO C 61 -14.20 2.71 15.59
CA PRO C 61 -15.31 3.66 15.68
C PRO C 61 -15.30 4.59 16.91
N ASN C 62 -14.43 4.33 17.88
CA ASN C 62 -14.33 5.19 19.07
C ASN C 62 -12.99 5.91 19.19
N ILE C 63 -12.22 5.87 18.10
CA ILE C 63 -11.00 6.63 17.96
C ILE C 63 -11.13 7.43 16.66
N VAL C 64 -11.24 8.75 16.80
CA VAL C 64 -11.40 9.65 15.65
C VAL C 64 -10.50 9.23 14.49
N LYS C 65 -11.10 9.03 13.32
CA LYS C 65 -10.33 8.55 12.16
C LYS C 65 -9.50 9.66 11.53
N LEU C 66 -8.23 9.36 11.29
CA LEU C 66 -7.38 10.21 10.48
C LEU C 66 -7.59 9.84 9.01
N LEU C 67 -8.19 10.75 8.25
CA LEU C 67 -8.58 10.47 6.86
C LEU C 67 -7.44 10.63 5.86
N ASP C 68 -6.70 11.74 5.94
CA ASP C 68 -5.65 12.04 4.98
C ASP C 68 -4.59 12.99 5.53
N VAL C 69 -3.35 12.78 5.08
CA VAL C 69 -2.23 13.65 5.41
C VAL C 69 -1.73 14.27 4.11
N ILE C 70 -2.04 15.54 3.91
CA ILE C 70 -1.59 16.25 2.71
C ILE C 70 -0.39 17.13 3.06
N HIS C 71 0.76 16.77 2.49
CA HIS C 71 2.01 17.45 2.79
C HIS C 71 2.50 18.24 1.58
N THR C 72 2.67 19.55 1.76
CA THR C 72 3.31 20.38 0.74
C THR C 72 4.75 20.70 1.18
N GLU C 73 5.36 21.68 0.51
CA GLU C 73 6.71 22.13 0.87
C GLU C 73 6.73 22.93 2.17
N ASN C 74 5.74 23.81 2.35
CA ASN C 74 5.68 24.74 3.48
C ASN C 74 4.57 24.49 4.52
N LYS C 75 3.60 23.66 4.17
CA LYS C 75 2.47 23.35 5.07
C LYS C 75 2.14 21.86 5.12
N LEU C 76 1.74 21.40 6.30
CA LEU C 76 1.27 20.03 6.48
C LEU C 76 -0.14 20.05 7.03
N TYR C 77 -1.07 19.41 6.32
CA TYR C 77 -2.48 19.36 6.72
C TYR C 77 -2.89 17.97 7.19
N LEU C 78 -3.64 17.92 8.28
CA LEU C 78 -4.18 16.65 8.78
C LEU C 78 -5.70 16.64 8.65
N VAL C 79 -6.21 15.73 7.82
CA VAL C 79 -7.65 15.60 7.58
C VAL C 79 -8.24 14.55 8.51
N PHE C 80 -9.17 14.98 9.35
CA PHE C 80 -9.85 14.10 10.29
C PHE C 80 -11.34 14.04 10.00
N GLU C 81 -12.01 12.99 10.46
CA GLU C 81 -13.46 12.96 10.47
C GLU C 81 -13.97 14.05 11.41
N PHE C 82 -15.10 14.64 11.07
CA PHE C 82 -15.66 15.76 11.82
C PHE C 82 -16.70 15.32 12.83
N LEU C 83 -16.54 15.76 14.08
CA LEU C 83 -17.55 15.53 15.09
C LEU C 83 -18.11 16.87 15.57
N HIS C 84 -19.27 16.84 16.21
CA HIS C 84 -20.04 18.07 16.50
C HIS C 84 -19.45 18.96 17.60
N GLN C 85 -19.05 18.37 18.72
CA GLN C 85 -18.41 19.12 19.80
C GLN C 85 -17.67 18.22 20.80
N ASP C 86 -16.99 18.84 21.76
CA ASP C 86 -16.28 18.14 22.82
C ASP C 86 -17.16 17.87 24.04
N LEU C 87 -16.86 16.80 24.76
CA LEU C 87 -17.63 16.40 25.95
C LEU C 87 -17.67 17.50 27.02
N LYS C 88 -16.58 18.25 27.14
CA LYS C 88 -16.49 19.38 28.07
C LYS C 88 -17.62 20.39 27.88
N LYS C 89 -17.89 20.78 26.63
CA LYS C 89 -18.93 21.78 26.36
C LYS C 89 -20.33 21.20 26.47
N PHE C 90 -20.44 19.89 26.26
CA PHE C 90 -21.69 19.16 26.46
C PHE C 90 -22.06 19.06 27.95
N MET C 91 -21.03 18.93 28.79
CA MET C 91 -21.19 18.93 30.24
C MET C 91 -21.65 20.29 30.76
N ASP C 92 -21.08 21.35 30.18
CA ASP C 92 -21.43 22.73 30.51
C ASP C 92 -22.88 23.04 30.16
N ALA C 93 -23.31 22.57 28.98
CA ALA C 93 -24.70 22.71 28.54
C ALA C 93 -25.66 21.83 29.34
N SER C 94 -25.10 20.90 30.12
CA SER C 94 -25.89 20.01 30.96
C SER C 94 -25.85 20.40 32.45
N ALA C 95 -24.81 21.15 32.84
CA ALA C 95 -24.56 21.52 34.25
C ALA C 95 -25.82 21.75 35.09
N LEU C 96 -26.81 22.41 34.49
CA LEU C 96 -28.11 22.63 35.13
C LEU C 96 -28.95 21.34 35.14
N THR C 97 -29.22 20.80 33.95
CA THR C 97 -30.10 19.64 33.81
C THR C 97 -29.43 18.31 34.22
N GLY C 98 -28.16 18.15 33.85
CA GLY C 98 -27.43 16.90 34.08
C GLY C 98 -27.50 15.97 32.87
N ILE C 99 -26.50 15.11 32.75
CA ILE C 99 -26.47 14.08 31.71
C ILE C 99 -27.15 12.82 32.27
N PRO C 100 -28.10 12.24 31.51
CA PRO C 100 -28.77 11.02 31.95
C PRO C 100 -27.80 9.88 32.25
N LEU C 101 -28.19 8.99 33.16
CA LEU C 101 -27.37 7.84 33.54
C LEU C 101 -27.17 6.81 32.42
N PRO C 102 -28.23 6.51 31.62
CA PRO C 102 -28.01 5.67 30.44
C PRO C 102 -27.00 6.24 29.45
N LEU C 103 -27.00 7.55 29.24
CA LEU C 103 -26.07 8.20 28.31
C LEU C 103 -24.65 8.21 28.86
N ILE C 104 -24.51 8.38 30.17
CA ILE C 104 -23.21 8.28 30.83
C ILE C 104 -22.69 6.84 30.73
N LYS C 105 -23.58 5.88 31.02
CA LYS C 105 -23.28 4.45 30.85
C LYS C 105 -22.81 4.16 29.42
N SER C 106 -23.51 4.75 28.44
CA SER C 106 -23.17 4.61 27.03
C SER C 106 -21.81 5.21 26.70
N TYR C 107 -21.59 6.46 27.14
CA TYR C 107 -20.35 7.18 26.84
C TYR C 107 -19.11 6.48 27.40
N LEU C 108 -19.15 6.11 28.68
CA LEU C 108 -18.05 5.38 29.31
C LEU C 108 -17.81 4.02 28.62
N PHE C 109 -18.90 3.33 28.28
CA PHE C 109 -18.80 2.07 27.56
C PHE C 109 -17.97 2.25 26.30
N GLN C 110 -18.35 3.23 25.49
CA GLN C 110 -17.67 3.52 24.22
C GLN C 110 -16.22 3.93 24.44
N LEU C 111 -16.01 4.84 25.39
CA LEU C 111 -14.67 5.30 25.77
C LEU C 111 -13.75 4.14 26.11
N LEU C 112 -14.27 3.20 26.90
CA LEU C 112 -13.52 2.02 27.32
C LEU C 112 -13.19 1.11 26.14
N GLN C 113 -14.07 1.07 25.15
CA GLN C 113 -13.80 0.33 23.92
C GLN C 113 -12.66 0.98 23.13
N GLY C 114 -12.77 2.28 22.87
CA GLY C 114 -11.72 3.04 22.19
C GLY C 114 -10.38 2.94 22.90
N LEU C 115 -10.41 3.09 24.22
CA LEU C 115 -9.19 2.97 25.03
C LEU C 115 -8.65 1.55 25.02
N ALA C 116 -9.53 0.56 25.17
CA ALA C 116 -9.13 -0.84 25.19
C ALA C 116 -8.36 -1.18 23.92
N PHE C 117 -8.81 -0.60 22.80
CA PHE C 117 -8.17 -0.80 21.51
C PHE C 117 -6.76 -0.19 21.53
N CYS C 118 -6.65 1.01 22.07
CA CYS C 118 -5.36 1.70 22.20
C CYS C 118 -4.33 0.86 22.95
N HIS C 119 -4.74 0.33 24.10
CA HIS C 119 -3.85 -0.45 24.95
C HIS C 119 -3.42 -1.77 24.30
N SER C 120 -4.38 -2.44 23.65
CA SER C 120 -4.08 -3.69 22.95
C SER C 120 -3.17 -3.47 21.74
N HIS C 121 -2.98 -2.21 21.37
CA HIS C 121 -2.14 -1.84 20.24
C HIS C 121 -0.95 -1.00 20.69
N ARG C 122 -0.48 -1.28 21.91
CA ARG C 122 0.66 -0.58 22.54
C ARG C 122 0.72 0.95 22.35
N VAL C 123 -0.42 1.61 22.57
CA VAL C 123 -0.48 3.07 22.51
C VAL C 123 -1.08 3.63 23.81
N LEU C 124 -0.34 4.53 24.44
CA LEU C 124 -0.81 5.30 25.59
C LEU C 124 -1.34 6.64 25.10
N HIS C 125 -2.50 7.05 25.60
CA HIS C 125 -3.07 8.34 25.23
C HIS C 125 -2.48 9.46 26.08
N ARG C 126 -2.53 9.24 27.39
CA ARG C 126 -1.89 10.10 28.40
C ARG C 126 -2.55 11.45 28.67
N ASP C 127 -3.59 11.79 27.90
CA ASP C 127 -4.20 13.12 27.99
C ASP C 127 -5.72 13.09 27.86
N LEU C 128 -6.34 12.14 28.56
CA LEU C 128 -7.78 11.99 28.51
C LEU C 128 -8.47 13.04 29.38
N LYS C 129 -9.09 14.01 28.72
CA LYS C 129 -9.87 15.05 29.39
C LYS C 129 -11.06 15.42 28.51
N PRO C 130 -12.19 15.82 29.12
CA PRO C 130 -13.43 16.06 28.38
C PRO C 130 -13.32 16.86 27.07
N GLN C 131 -12.32 17.73 26.95
CA GLN C 131 -12.13 18.50 25.71
C GLN C 131 -11.43 17.72 24.60
N ASN C 132 -10.93 16.53 24.95
CA ASN C 132 -10.28 15.61 24.01
C ASN C 132 -11.17 14.44 23.65
N LEU C 133 -12.37 14.43 24.22
CA LEU C 133 -13.36 13.41 23.90
C LEU C 133 -14.44 14.08 23.06
N LEU C 134 -14.64 13.58 21.85
CA LEU C 134 -15.57 14.21 20.92
C LEU C 134 -16.85 13.42 20.72
N ILE C 135 -17.97 14.15 20.64
CA ILE C 135 -19.29 13.55 20.48
C ILE C 135 -19.98 14.01 19.19
N ASN C 136 -20.85 13.16 18.66
CA ASN C 136 -21.70 13.51 17.52
C ASN C 136 -23.19 13.38 17.88
N THR C 137 -24.07 13.73 16.94
CA THR C 137 -25.52 13.71 17.16
C THR C 137 -26.08 12.30 17.31
N GLU C 138 -25.45 11.33 16.65
CA GLU C 138 -25.83 9.91 16.71
C GLU C 138 -25.76 9.31 18.12
N GLY C 139 -24.91 9.86 18.98
CA GLY C 139 -24.80 9.43 20.37
C GLY C 139 -23.48 8.77 20.70
N ALA C 140 -22.52 8.92 19.80
CA ALA C 140 -21.21 8.31 19.95
C ALA C 140 -20.18 9.27 20.52
N ILE C 141 -19.25 8.74 21.31
CA ILE C 141 -18.11 9.50 21.81
C ILE C 141 -16.80 8.88 21.30
N LYS C 142 -15.84 9.72 20.93
CA LYS C 142 -14.59 9.23 20.34
C LYS C 142 -13.34 9.87 20.96
N LEU C 143 -12.28 9.08 21.13
CA LEU C 143 -10.99 9.58 21.62
C LEU C 143 -10.32 10.45 20.57
N ALA C 144 -9.83 11.61 20.98
CA ALA C 144 -9.18 12.52 20.03
C ALA C 144 -7.86 13.08 20.57
N ASP C 145 -7.16 13.82 19.71
CA ASP C 145 -5.93 14.54 20.06
C ASP C 145 -4.85 13.61 20.63
N PHE C 146 -4.21 12.87 19.74
CA PHE C 146 -3.17 11.92 20.13
C PHE C 146 -1.79 12.57 20.03
N GLY C 147 -1.73 13.85 20.39
CA GLY C 147 -0.48 14.62 20.30
C GLY C 147 0.53 14.21 21.35
N LEU C 148 0.03 13.88 22.54
CA LEU C 148 0.88 13.43 23.63
C LEU C 148 0.85 11.91 23.76
N ALA C 149 0.31 11.23 22.74
CA ALA C 149 0.26 9.77 22.71
C ALA C 149 1.64 9.15 22.51
N ARG C 150 1.85 7.97 23.09
CA ARG C 150 3.16 7.30 23.03
C ARG C 150 3.03 5.80 22.79
N ALA C 151 3.97 5.25 22.03
CA ALA C 151 4.02 3.81 21.79
C ALA C 151 4.85 3.14 22.88
N PHE C 152 4.23 2.22 23.62
CA PHE C 152 4.94 1.56 24.73
C PHE C 152 5.48 0.15 24.44
N GLY C 153 5.99 -0.05 23.23
CA GLY C 153 6.72 -1.26 22.87
C GLY C 153 7.78 -1.50 23.93
N VAL C 154 8.57 -0.46 24.19
CA VAL C 154 9.41 -0.37 25.39
C VAL C 154 8.71 0.53 26.40
N PRO C 155 8.96 0.32 27.71
CA PRO C 155 8.28 1.13 28.73
C PRO C 155 8.57 2.61 28.57
N VAL C 156 7.57 3.43 28.84
CA VAL C 156 7.66 4.89 28.64
C VAL C 156 8.14 5.61 29.89
N ARG C 157 9.23 6.38 29.75
CA ARG C 157 9.74 7.21 30.84
C ARG C 157 8.76 8.34 31.19
N THR C 158 8.79 8.78 32.44
CA THR C 158 7.96 9.90 32.88
C THR C 158 8.74 11.19 32.75
N TYR C 159 8.14 12.17 32.06
CA TYR C 159 8.69 13.51 31.94
C TYR C 159 8.84 14.08 33.35
N THR C 160 10.05 14.46 33.73
CA THR C 160 10.30 14.98 35.08
C THR C 160 9.67 16.36 35.29
N HIS C 161 9.17 16.95 34.21
CA HIS C 161 8.27 18.09 34.27
C HIS C 161 7.00 17.71 33.48
N GLU C 162 6.07 17.03 34.16
CA GLU C 162 4.90 16.43 33.53
C GLU C 162 4.01 17.45 32.80
N VAL C 163 3.55 17.08 31.61
CA VAL C 163 2.74 17.96 30.75
C VAL C 163 1.32 17.39 30.58
N VAL C 164 0.99 16.37 31.37
CA VAL C 164 -0.38 15.87 31.49
C VAL C 164 -1.18 16.88 32.33
N THR C 165 -2.49 17.01 32.06
CA THR C 165 -3.37 17.86 32.87
C THR C 165 -3.40 17.36 34.32
N LEU C 166 -3.30 18.30 35.26
CA LEU C 166 -3.17 17.98 36.68
C LEU C 166 -4.40 17.30 37.26
N TRP C 167 -5.58 17.84 36.93
CA TRP C 167 -6.85 17.35 37.47
C TRP C 167 -7.10 15.85 37.29
N TYR C 168 -6.69 15.32 36.13
CA TYR C 168 -6.91 13.91 35.79
C TYR C 168 -5.62 13.12 35.86
N ARG C 169 -4.72 13.52 36.75
CA ARG C 169 -3.43 12.86 36.89
C ARG C 169 -3.47 11.75 37.92
N ALA C 170 -2.91 10.61 37.53
CA ALA C 170 -2.83 9.43 38.37
C ALA C 170 -1.79 9.62 39.49
N PRO C 171 -2.07 9.11 40.71
CA PRO C 171 -1.21 9.29 41.87
C PRO C 171 0.21 8.76 41.68
N GLU C 172 0.36 7.70 40.89
CA GLU C 172 1.67 7.12 40.58
C GLU C 172 2.58 8.20 40.00
N ILE C 173 2.05 8.98 39.07
CA ILE C 173 2.80 10.07 38.43
C ILE C 173 3.08 11.19 39.44
N LEU C 174 2.16 11.44 40.37
CA LEU C 174 2.34 12.48 41.38
C LEU C 174 3.41 12.12 42.40
N LEU C 175 3.46 10.83 42.77
CA LEU C 175 4.47 10.32 43.70
C LEU C 175 5.78 10.01 42.98
N GLY C 176 5.78 10.21 41.66
CA GLY C 176 6.98 10.28 40.85
C GLY C 176 7.65 8.97 40.49
N CYS C 177 6.86 7.98 40.06
CA CYS C 177 7.42 6.72 39.59
C CYS C 177 8.10 6.94 38.24
N LYS C 178 9.07 6.07 37.94
CA LYS C 178 9.95 6.25 36.77
C LYS C 178 9.24 6.07 35.43
N TYR C 179 8.21 5.23 35.38
CA TYR C 179 7.55 4.90 34.11
C TYR C 179 6.05 5.15 34.11
N TYR C 180 5.53 5.50 32.93
CA TYR C 180 4.10 5.51 32.67
C TYR C 180 3.57 4.09 32.54
N SER C 181 2.25 3.96 32.52
CA SER C 181 1.59 2.66 32.48
C SER C 181 0.21 2.84 31.91
N THR C 182 -0.35 1.78 31.34
CA THR C 182 -1.71 1.83 30.82
C THR C 182 -2.69 2.36 31.87
N ALA C 183 -2.45 1.99 33.13
CA ALA C 183 -3.31 2.36 34.25
C ALA C 183 -3.56 3.87 34.38
N VAL C 184 -2.64 4.69 33.87
CA VAL C 184 -2.77 6.15 33.98
C VAL C 184 -3.91 6.68 33.07
N ASP C 185 -4.18 5.96 31.99
CA ASP C 185 -5.31 6.27 31.12
C ASP C 185 -6.64 5.92 31.79
N ILE C 186 -6.70 4.74 32.39
CA ILE C 186 -7.88 4.28 33.12
C ILE C 186 -8.26 5.27 34.24
N TRP C 187 -7.25 5.71 35.00
CA TRP C 187 -7.44 6.70 36.05
C TRP C 187 -8.16 7.95 35.54
N SER C 188 -7.71 8.46 34.40
CA SER C 188 -8.32 9.62 33.76
C SER C 188 -9.80 9.38 33.49
N LEU C 189 -10.11 8.26 32.83
CA LEU C 189 -11.50 7.94 32.53
C LEU C 189 -12.34 7.88 33.79
N GLY C 190 -11.81 7.26 34.84
CA GLY C 190 -12.47 7.22 36.14
C GLY C 190 -12.91 8.60 36.62
N CYS C 191 -11.99 9.55 36.55
CA CYS C 191 -12.25 10.92 36.97
C CYS C 191 -13.31 11.60 36.12
N ILE C 192 -13.34 11.25 34.83
CA ILE C 192 -14.36 11.78 33.91
C ILE C 192 -15.71 11.12 34.19
N PHE C 193 -15.67 9.82 34.49
CA PHE C 193 -16.87 9.07 34.85
C PHE C 193 -17.56 9.72 36.05
N ALA C 194 -16.78 9.98 37.09
CA ALA C 194 -17.30 10.62 38.31
C ALA C 194 -17.71 12.07 38.04
N GLU C 195 -17.08 12.69 37.04
CA GLU C 195 -17.37 14.07 36.69
C GLU C 195 -18.71 14.23 35.97
N MET C 196 -19.03 13.29 35.09
CA MET C 196 -20.30 13.30 34.37
C MET C 196 -21.47 13.12 35.35
N VAL C 197 -21.28 12.23 36.31
CA VAL C 197 -22.27 11.89 37.33
C VAL C 197 -22.53 13.07 38.26
N THR C 198 -21.47 13.64 38.83
CA THR C 198 -21.58 14.67 39.87
C THR C 198 -21.70 16.11 39.33
N ARG C 199 -21.47 16.28 38.04
CA ARG C 199 -21.47 17.60 37.37
C ARG C 199 -20.21 18.43 37.62
N ARG C 200 -19.69 18.39 38.84
CA ARG C 200 -18.42 19.03 39.17
C ARG C 200 -17.23 18.09 38.91
N ALA C 201 -16.03 18.65 38.80
CA ALA C 201 -14.81 17.87 38.62
C ALA C 201 -14.44 17.16 39.92
N LEU C 202 -13.90 15.96 39.82
CA LEU C 202 -13.63 15.12 40.99
C LEU C 202 -12.42 15.56 41.81
N PHE C 203 -11.27 15.75 41.15
CA PHE C 203 -10.06 16.15 41.84
C PHE C 203 -9.46 17.42 41.24
N PRO C 204 -10.03 18.60 41.56
CA PRO C 204 -9.54 19.83 40.94
C PRO C 204 -8.44 20.50 41.77
N GLY C 205 -7.18 20.16 41.48
CA GLY C 205 -6.05 20.62 42.28
C GLY C 205 -5.43 21.95 41.90
N ASP C 206 -4.82 22.60 42.89
CA ASP C 206 -4.09 23.88 42.72
C ASP C 206 -2.64 23.62 42.36
N SER C 207 -2.00 22.72 43.11
CA SER C 207 -0.61 22.35 42.90
C SER C 207 -0.50 20.82 42.86
N GLU C 208 0.72 20.33 42.65
CA GLU C 208 0.99 18.89 42.67
C GLU C 208 0.70 18.29 44.05
N ILE C 209 0.98 19.07 45.10
CA ILE C 209 0.76 18.61 46.46
C ILE C 209 -0.73 18.71 46.86
N ASP C 210 -1.45 19.65 46.26
CA ASP C 210 -2.88 19.78 46.50
C ASP C 210 -3.63 18.65 45.82
N GLN C 211 -3.28 18.41 44.55
CA GLN C 211 -3.85 17.33 43.75
C GLN C 211 -3.77 16.00 44.49
N LEU C 212 -2.56 15.69 44.97
CA LEU C 212 -2.30 14.46 45.70
C LEU C 212 -3.18 14.33 46.95
N PHE C 213 -3.21 15.39 47.76
CA PHE C 213 -3.99 15.37 49.00
C PHE C 213 -5.50 15.36 48.75
N ARG C 214 -5.94 15.98 47.66
CA ARG C 214 -7.36 15.95 47.27
C ARG C 214 -7.80 14.53 46.99
N ILE C 215 -6.91 13.76 46.35
CA ILE C 215 -7.12 12.35 46.09
C ILE C 215 -7.18 11.58 47.42
N PHE C 216 -6.24 11.87 48.31
CA PHE C 216 -6.16 11.21 49.61
C PHE C 216 -7.44 11.41 50.43
N ARG C 217 -7.93 12.65 50.46
CA ARG C 217 -9.10 13.00 51.28
C ARG C 217 -10.36 12.24 50.90
N THR C 218 -10.48 11.86 49.62
CA THR C 218 -11.61 11.08 49.14
C THR C 218 -11.34 9.59 49.31
N LEU C 219 -10.29 9.10 48.66
CA LEU C 219 -10.01 7.67 48.61
C LEU C 219 -9.28 7.14 49.83
N GLY C 220 -8.71 8.05 50.62
CA GLY C 220 -7.96 7.68 51.83
C GLY C 220 -6.48 7.54 51.57
N THR C 221 -5.66 7.94 52.54
CA THR C 221 -4.21 7.84 52.44
C THR C 221 -3.77 6.39 52.30
N PRO C 222 -3.09 6.05 51.19
CA PRO C 222 -2.61 4.69 50.95
C PRO C 222 -1.46 4.30 51.88
N ASP C 223 -1.38 3.01 52.19
CA ASP C 223 -0.29 2.45 52.97
C ASP C 223 0.37 1.28 52.22
N GLU C 224 1.27 0.56 52.90
CA GLU C 224 1.92 -0.60 52.31
C GLU C 224 0.95 -1.77 52.08
N VAL C 225 -0.16 -1.76 52.83
CA VAL C 225 -1.19 -2.80 52.74
C VAL C 225 -2.04 -2.64 51.47
N VAL C 226 -2.53 -1.43 51.21
CA VAL C 226 -3.32 -1.15 50.01
C VAL C 226 -2.43 -1.15 48.77
N TRP C 227 -1.22 -0.61 48.90
CA TRP C 227 -0.33 -0.36 47.77
C TRP C 227 1.14 -0.57 48.15
N PRO C 228 1.65 -1.81 47.97
CA PRO C 228 3.01 -2.16 48.40
C PRO C 228 4.08 -1.30 47.73
N GLY C 229 5.04 -0.83 48.53
CA GLY C 229 6.15 -0.02 48.03
C GLY C 229 5.84 1.46 47.84
N VAL C 230 4.63 1.87 48.23
CA VAL C 230 4.21 3.27 48.12
C VAL C 230 5.11 4.21 48.91
N THR C 231 5.62 3.74 50.05
CA THR C 231 6.44 4.56 50.95
C THR C 231 7.91 4.65 50.50
N SER C 232 8.25 3.93 49.44
CA SER C 232 9.60 3.91 48.89
C SER C 232 9.74 4.79 47.65
N MET C 233 8.60 5.21 47.10
CA MET C 233 8.56 6.04 45.88
C MET C 233 9.22 7.41 46.07
N PRO C 234 9.90 7.92 45.02
CA PRO C 234 10.75 9.11 45.10
C PRO C 234 10.11 10.38 45.68
N ASP C 235 8.79 10.55 45.53
CA ASP C 235 8.13 11.76 46.02
C ASP C 235 7.20 11.54 47.23
N TYR C 236 7.18 10.32 47.75
CA TYR C 236 6.43 10.00 48.96
C TYR C 236 7.19 10.50 50.18
N LYS C 237 6.46 11.09 51.12
CA LYS C 237 7.02 11.47 52.42
C LYS C 237 6.21 10.80 53.53
N PRO C 238 6.91 10.32 54.58
CA PRO C 238 6.21 9.67 55.70
C PRO C 238 5.38 10.67 56.50
N SER C 239 5.67 11.95 56.31
CA SER C 239 4.98 13.05 56.96
C SER C 239 3.60 13.34 56.37
N PHE C 240 3.13 12.48 55.46
CA PHE C 240 1.80 12.61 54.87
C PHE C 240 0.70 12.37 55.92
N PRO C 241 -0.30 13.27 55.97
CA PRO C 241 -1.45 13.11 56.86
C PRO C 241 -2.27 11.90 56.47
N LYS C 242 -2.89 11.25 57.46
CA LYS C 242 -3.62 10.01 57.19
C LYS C 242 -5.14 10.17 57.25
N TRP C 243 -5.72 10.39 56.07
CA TRP C 243 -7.18 10.46 55.90
C TRP C 243 -7.75 9.07 55.71
N ALA C 244 -8.93 8.85 56.28
CA ALA C 244 -9.65 7.59 56.09
C ALA C 244 -10.38 7.60 54.75
N ARG C 245 -10.54 6.41 54.17
CA ARG C 245 -11.29 6.26 52.92
C ARG C 245 -12.72 6.73 53.10
N GLN C 246 -13.16 7.67 52.27
CA GLN C 246 -14.52 8.21 52.38
C GLN C 246 -15.54 7.34 51.66
N ASP C 247 -16.72 7.22 52.26
CA ASP C 247 -17.79 6.34 51.78
C ASP C 247 -18.19 6.69 50.35
N PHE C 248 -18.10 5.71 49.45
CA PHE C 248 -18.35 5.93 48.03
C PHE C 248 -19.76 6.39 47.68
N SER C 249 -20.74 5.98 48.48
CA SER C 249 -22.12 6.41 48.28
C SER C 249 -22.32 7.89 48.61
N LYS C 250 -21.22 8.56 48.95
CA LYS C 250 -21.21 10.01 49.20
C LYS C 250 -20.40 10.74 48.14
N VAL C 251 -19.34 10.10 47.66
CA VAL C 251 -18.50 10.63 46.58
C VAL C 251 -19.30 10.67 45.27
N VAL C 252 -20.08 9.63 45.02
CA VAL C 252 -20.96 9.58 43.84
C VAL C 252 -22.40 9.24 44.26
N PRO C 253 -23.17 10.26 44.68
CA PRO C 253 -24.57 10.05 45.07
C PRO C 253 -25.41 9.29 44.03
N PRO C 254 -25.52 9.82 42.79
CA PRO C 254 -26.46 9.22 41.81
C PRO C 254 -26.18 7.79 41.37
N LEU C 255 -25.01 7.24 41.70
CA LEU C 255 -24.64 5.90 41.24
C LEU C 255 -25.12 4.77 42.14
N ASP C 256 -25.57 3.69 41.50
CA ASP C 256 -25.96 2.45 42.18
C ASP C 256 -24.70 1.71 42.66
N GLU C 257 -24.88 0.47 43.11
CA GLU C 257 -23.75 -0.34 43.58
C GLU C 257 -22.77 -0.67 42.46
N ASP C 258 -23.30 -0.98 41.27
CA ASP C 258 -22.47 -1.27 40.09
C ASP C 258 -21.65 -0.06 39.66
N GLY C 259 -22.22 1.13 39.79
CA GLY C 259 -21.53 2.37 39.48
C GLY C 259 -20.32 2.61 40.36
N ARG C 260 -20.50 2.43 41.67
CA ARG C 260 -19.41 2.51 42.64
C ARG C 260 -18.39 1.40 42.38
N SER C 261 -18.88 0.15 42.40
CA SER C 261 -18.06 -1.04 42.19
C SER C 261 -17.08 -0.87 41.03
N LEU C 262 -17.53 -0.23 39.96
CA LEU C 262 -16.67 0.06 38.82
C LEU C 262 -15.71 1.22 39.11
N LEU C 263 -16.24 2.32 39.62
CA LEU C 263 -15.43 3.52 39.88
C LEU C 263 -14.25 3.24 40.82
N SER C 264 -14.50 2.47 41.88
CA SER C 264 -13.47 2.16 42.87
C SER C 264 -12.31 1.36 42.30
N GLN C 265 -12.63 0.45 41.37
CA GLN C 265 -11.62 -0.34 40.66
C GLN C 265 -10.87 0.50 39.63
N MET C 266 -11.58 1.46 39.05
CA MET C 266 -10.99 2.43 38.12
C MET C 266 -10.05 3.38 38.84
N LEU C 267 -10.31 3.62 40.12
CA LEU C 267 -9.49 4.50 40.95
C LEU C 267 -8.78 3.71 42.06
N HIS C 268 -8.45 2.46 41.77
CA HIS C 268 -7.64 1.61 42.63
C HIS C 268 -6.26 2.25 42.77
N TYR C 269 -5.68 2.21 43.97
CA TYR C 269 -4.40 2.87 44.22
C TYR C 269 -3.23 2.22 43.49
N ASP C 270 -3.01 0.92 43.73
CA ASP C 270 -1.97 0.17 43.06
C ASP C 270 -2.29 0.05 41.57
N PRO C 271 -1.45 0.67 40.71
CA PRO C 271 -1.71 0.60 39.28
C PRO C 271 -1.67 -0.85 38.77
N ASN C 272 -0.84 -1.69 39.40
CA ASN C 272 -0.76 -3.12 39.09
C ASN C 272 -2.07 -3.88 39.27
N LYS C 273 -2.96 -3.32 40.08
CA LYS C 273 -4.23 -3.95 40.41
C LYS C 273 -5.43 -3.09 40.02
N ARG C 274 -5.15 -1.95 39.38
CA ARG C 274 -6.20 -1.08 38.85
C ARG C 274 -6.79 -1.71 37.60
N ILE C 275 -8.12 -1.78 37.56
CA ILE C 275 -8.85 -2.42 36.46
C ILE C 275 -8.36 -1.98 35.07
N SER C 276 -8.22 -2.94 34.16
CA SER C 276 -7.82 -2.62 32.79
C SER C 276 -9.03 -2.21 31.96
N ALA C 277 -8.78 -1.61 30.80
CA ALA C 277 -9.85 -1.18 29.91
C ALA C 277 -10.62 -2.37 29.37
N LYS C 278 -9.90 -3.46 29.12
CA LYS C 278 -10.50 -4.72 28.69
C LYS C 278 -11.41 -5.25 29.80
N ALA C 279 -10.86 -5.38 31.01
CA ALA C 279 -11.60 -5.94 32.15
C ALA C 279 -12.88 -5.17 32.50
N ALA C 280 -12.80 -3.84 32.38
CA ALA C 280 -13.90 -2.95 32.73
C ALA C 280 -15.12 -3.14 31.85
N LEU C 281 -14.90 -3.51 30.60
CA LEU C 281 -15.99 -3.77 29.67
C LEU C 281 -16.81 -5.00 30.05
N ALA C 282 -16.17 -5.94 30.76
CA ALA C 282 -16.85 -7.16 31.23
C ALA C 282 -17.63 -6.96 32.54
N HIS C 283 -17.42 -5.82 33.18
CA HIS C 283 -18.03 -5.55 34.47
C HIS C 283 -19.54 -5.47 34.37
N PRO C 284 -20.22 -5.83 35.45
CA PRO C 284 -21.68 -6.00 35.43
C PRO C 284 -22.40 -4.67 35.21
N PHE C 285 -21.65 -3.58 35.27
CA PHE C 285 -22.23 -2.25 35.10
C PHE C 285 -22.78 -2.06 33.69
N PHE C 286 -22.31 -2.90 32.76
CA PHE C 286 -22.72 -2.80 31.36
C PHE C 286 -23.66 -3.92 30.90
N GLN C 287 -24.37 -4.52 31.84
CA GLN C 287 -25.34 -5.60 31.53
C GLN C 287 -26.52 -5.13 30.69
N ASP C 288 -26.80 -3.83 30.74
CA ASP C 288 -27.99 -3.26 30.12
C ASP C 288 -27.67 -2.07 29.20
N VAL C 289 -26.40 -1.87 28.89
CA VAL C 289 -25.96 -0.70 28.12
C VAL C 289 -26.72 -0.54 26.80
N THR C 290 -27.04 0.72 26.47
CA THR C 290 -27.67 1.07 25.21
C THR C 290 -26.87 2.16 24.51
N LYS C 291 -27.47 2.74 23.46
CA LYS C 291 -26.88 3.87 22.75
C LYS C 291 -27.89 5.01 22.63
N PRO C 292 -28.16 5.73 23.75
CA PRO C 292 -29.07 6.89 23.70
C PRO C 292 -28.51 8.06 22.89
N VAL C 293 -29.41 8.97 22.49
CA VAL C 293 -29.04 10.12 21.66
C VAL C 293 -29.02 11.40 22.51
N PRO C 294 -27.96 12.23 22.36
CA PRO C 294 -27.91 13.50 23.06
C PRO C 294 -28.64 14.63 22.32
N HIS C 295 -29.16 15.60 23.09
CA HIS C 295 -29.76 16.79 22.50
C HIS C 295 -28.74 17.94 22.56
N LEU C 296 -28.53 18.62 21.43
CA LEU C 296 -27.53 19.69 21.35
C LEU C 296 -28.16 21.04 21.02
N PRO D 4 -0.27 -5.58 33.40
CA PRO D 4 -0.95 -6.82 33.79
C PRO D 4 -1.66 -7.53 32.61
N ASP D 5 -2.91 -7.14 32.33
CA ASP D 5 -3.76 -7.80 31.32
C ASP D 5 -3.42 -7.50 29.85
N TYR D 6 -2.86 -6.31 29.57
CA TYR D 6 -2.62 -5.84 28.20
C TYR D 6 -1.53 -6.59 27.44
N HIS D 7 -0.57 -7.14 28.20
CA HIS D 7 0.72 -7.63 27.69
C HIS D 7 0.70 -8.64 26.55
N GLU D 8 -0.17 -9.64 26.64
CA GLU D 8 -0.18 -10.72 25.66
C GLU D 8 -0.70 -10.26 24.29
N ASP D 9 -1.67 -9.35 24.32
CA ASP D 9 -2.17 -8.69 23.10
C ASP D 9 -1.05 -7.91 22.40
N ILE D 10 -0.23 -7.24 23.20
CA ILE D 10 0.90 -6.45 22.70
C ILE D 10 1.89 -7.33 21.93
N HIS D 11 2.23 -8.48 22.51
CA HIS D 11 3.14 -9.42 21.85
C HIS D 11 2.54 -9.94 20.54
N THR D 12 1.32 -10.47 20.60
CA THR D 12 0.64 -10.95 19.40
C THR D 12 0.62 -9.88 18.30
N TYR D 13 0.33 -8.63 18.68
CA TYR D 13 0.27 -7.53 17.73
C TYR D 13 1.62 -7.17 17.14
N LEU D 14 2.65 -7.07 17.99
CA LEU D 14 4.00 -6.73 17.53
C LEU D 14 4.56 -7.77 16.57
N ARG D 15 4.16 -9.04 16.77
CA ARG D 15 4.60 -10.14 15.92
C ARG D 15 3.95 -10.08 14.55
N GLU D 16 2.71 -9.60 14.52
CA GLU D 16 1.95 -9.38 13.30
C GLU D 16 2.50 -8.14 12.59
N MET D 17 2.90 -7.14 13.38
CA MET D 17 3.41 -5.88 12.85
C MET D 17 4.82 -5.97 12.27
N GLU D 18 5.64 -6.86 12.82
CA GLU D 18 7.02 -7.03 12.35
C GLU D 18 7.11 -7.60 10.92
N VAL D 19 6.14 -8.43 10.55
CA VAL D 19 6.04 -8.99 9.20
C VAL D 19 5.79 -7.87 8.18
N LYS D 20 4.99 -6.89 8.57
CA LYS D 20 4.66 -5.74 7.70
C LYS D 20 5.79 -4.70 7.58
N CYS D 21 6.48 -4.42 8.68
CA CYS D 21 7.52 -3.40 8.70
C CYS D 21 8.92 -3.95 8.34
N LYS D 22 8.95 -5.14 7.75
CA LYS D 22 10.21 -5.76 7.34
C LYS D 22 10.66 -5.24 5.97
N PRO D 23 11.94 -4.83 5.86
CA PRO D 23 12.54 -4.44 4.59
C PRO D 23 12.84 -5.66 3.69
N LYS D 24 13.03 -5.42 2.39
CA LYS D 24 13.41 -6.46 1.43
C LYS D 24 14.77 -7.05 1.80
N VAL D 25 14.91 -8.37 1.66
CA VAL D 25 16.05 -9.10 2.24
C VAL D 25 17.40 -8.87 1.53
N GLY D 26 17.43 -9.06 0.21
CA GLY D 26 18.66 -8.85 -0.54
C GLY D 26 18.74 -7.50 -1.23
N TYR D 27 18.22 -6.46 -0.58
CA TYR D 27 18.08 -5.16 -1.23
C TYR D 27 19.40 -4.51 -1.61
N MET D 28 20.46 -4.85 -0.88
CA MET D 28 21.77 -4.23 -1.05
C MET D 28 22.40 -4.58 -2.40
N LYS D 29 22.01 -5.73 -2.96
CA LYS D 29 22.45 -6.13 -4.31
C LYS D 29 21.84 -5.18 -5.33
N LYS D 30 20.57 -4.84 -5.12
CA LYS D 30 19.86 -3.90 -5.98
C LYS D 30 20.33 -2.45 -5.78
N GLN D 31 21.21 -2.23 -4.80
CA GLN D 31 21.86 -0.94 -4.57
C GLN D 31 23.21 -0.86 -5.28
N PRO D 32 23.27 -0.10 -6.39
CA PRO D 32 24.44 -0.14 -7.27
C PRO D 32 25.68 0.53 -6.67
N ASP D 33 25.50 1.57 -5.87
CA ASP D 33 26.63 2.35 -5.35
C ASP D 33 26.97 2.06 -3.88
N ILE D 34 26.05 1.45 -3.15
CA ILE D 34 26.31 1.14 -1.73
C ILE D 34 26.36 -0.36 -1.41
N THR D 35 27.06 -0.69 -0.32
CA THR D 35 27.33 -2.07 0.07
C THR D 35 27.04 -2.25 1.55
N ASN D 36 27.00 -3.50 2.00
CA ASN D 36 26.84 -3.80 3.42
C ASN D 36 27.88 -3.06 4.25
N SER D 37 29.11 -3.06 3.73
CA SER D 37 30.26 -2.44 4.40
C SER D 37 30.04 -0.97 4.76
N MET D 38 29.50 -0.20 3.81
CA MET D 38 29.22 1.23 4.01
C MET D 38 28.09 1.45 5.01
N ARG D 39 27.13 0.52 5.00
CA ARG D 39 26.00 0.51 5.92
C ARG D 39 26.47 0.20 7.34
N ALA D 40 27.38 -0.76 7.45
CA ALA D 40 27.99 -1.10 8.72
C ALA D 40 28.65 0.15 9.31
N ILE D 41 29.45 0.84 8.49
CA ILE D 41 30.10 2.09 8.91
C ILE D 41 29.09 3.13 9.38
N LEU D 42 27.96 3.20 8.69
CA LEU D 42 26.91 4.17 9.00
C LEU D 42 26.24 3.89 10.33
N VAL D 43 25.74 2.68 10.51
CA VAL D 43 25.07 2.28 11.75
C VAL D 43 25.98 2.46 12.97
N ASP D 44 27.26 2.14 12.80
CA ASP D 44 28.25 2.31 13.86
C ASP D 44 28.43 3.77 14.26
N TRP D 45 28.45 4.65 13.25
CA TRP D 45 28.53 6.09 13.48
C TRP D 45 27.30 6.56 14.23
N LEU D 46 26.17 5.92 13.95
CA LEU D 46 24.91 6.23 14.62
C LEU D 46 24.95 5.86 16.09
N VAL D 47 25.49 4.68 16.39
CA VAL D 47 25.69 4.23 17.77
C VAL D 47 26.46 5.30 18.56
N GLU D 48 27.53 5.83 17.96
CA GLU D 48 28.27 6.97 18.49
C GLU D 48 27.39 8.20 18.71
N VAL D 49 26.67 8.59 17.66
CA VAL D 49 25.77 9.74 17.75
C VAL D 49 24.82 9.56 18.92
N GLY D 50 24.26 8.36 19.08
CA GLY D 50 23.37 8.04 20.19
C GLY D 50 24.01 8.30 21.54
N GLU D 51 25.25 7.83 21.68
CA GLU D 51 26.03 8.00 22.90
C GLU D 51 26.35 9.46 23.17
N GLU D 52 26.87 10.12 22.14
CA GLU D 52 27.25 11.52 22.19
C GLU D 52 26.09 12.40 22.63
N TYR D 53 24.89 12.10 22.12
CA TYR D 53 23.68 12.87 22.40
C TYR D 53 22.77 12.21 23.41
N LYS D 54 23.31 11.25 24.17
CA LYS D 54 22.58 10.54 25.23
C LYS D 54 21.15 10.14 24.83
N LEU D 55 21.03 9.57 23.64
CA LEU D 55 19.72 9.14 23.13
C LEU D 55 19.41 7.71 23.60
N GLN D 56 18.12 7.37 23.63
CA GLN D 56 17.66 6.03 24.00
C GLN D 56 18.17 5.00 23.00
N ASN D 57 18.37 3.76 23.47
CA ASN D 57 18.72 2.65 22.59
C ASN D 57 17.60 2.31 21.61
N GLU D 58 16.35 2.59 22.03
CA GLU D 58 15.21 2.41 21.15
C GLU D 58 15.31 3.32 19.92
N THR D 59 15.75 4.56 20.14
CA THR D 59 15.92 5.52 19.05
C THR D 59 16.90 5.02 18.00
N LEU D 60 18.04 4.50 18.45
CA LEU D 60 19.02 3.91 17.55
C LEU D 60 18.40 2.81 16.71
N HIS D 61 17.73 1.87 17.38
CA HIS D 61 17.09 0.74 16.71
C HIS D 61 16.09 1.16 15.63
N LEU D 62 15.27 2.17 15.97
CA LEU D 62 14.22 2.66 15.06
C LEU D 62 14.81 3.34 13.83
N ALA D 63 15.87 4.11 14.06
CA ALA D 63 16.57 4.78 12.97
C ALA D 63 17.02 3.77 11.92
N VAL D 64 17.58 2.65 12.37
CA VAL D 64 18.09 1.59 11.50
C VAL D 64 16.95 0.96 10.69
N ASN D 65 15.81 0.73 11.33
CA ASN D 65 14.63 0.20 10.64
C ASN D 65 14.19 1.12 9.49
N TYR D 66 14.20 2.42 9.75
CA TYR D 66 13.88 3.41 8.72
C TYR D 66 14.88 3.31 7.57
N ILE D 67 16.16 3.37 7.88
CA ILE D 67 17.21 3.27 6.88
C ILE D 67 16.99 2.08 5.95
N ASP D 68 16.87 0.88 6.53
CA ASP D 68 16.69 -0.36 5.76
C ASP D 68 15.46 -0.34 4.87
N ARG D 69 14.35 0.16 5.41
CA ARG D 69 13.13 0.26 4.66
C ARG D 69 13.25 1.29 3.53
N PHE D 70 13.92 2.41 3.81
CA PHE D 70 14.18 3.44 2.81
C PHE D 70 15.01 2.88 1.66
N LEU D 71 16.15 2.27 1.98
CA LEU D 71 17.05 1.70 0.97
C LEU D 71 16.45 0.48 0.27
N SER D 72 15.30 0.02 0.74
CA SER D 72 14.57 -1.05 0.07
C SER D 72 13.87 -0.54 -1.19
N SER D 73 13.52 0.74 -1.21
CA SER D 73 12.78 1.32 -2.34
C SER D 73 13.41 2.56 -2.97
N MET D 74 14.55 3.00 -2.46
CA MET D 74 15.22 4.15 -3.05
C MET D 74 16.70 3.88 -3.29
N SER D 75 17.11 4.01 -4.56
CA SER D 75 18.53 3.93 -4.91
C SER D 75 19.20 5.20 -4.37
N VAL D 76 20.20 5.00 -3.52
CA VAL D 76 20.90 6.10 -2.87
C VAL D 76 22.41 6.00 -3.19
N LEU D 77 22.99 7.08 -3.68
CA LEU D 77 24.44 7.15 -3.90
C LEU D 77 25.19 7.31 -2.59
N ARG D 78 26.46 6.90 -2.59
CA ARG D 78 27.26 6.85 -1.36
C ARG D 78 27.43 8.21 -0.68
N GLY D 79 27.53 9.26 -1.49
CA GLY D 79 27.67 10.62 -0.97
C GLY D 79 26.44 11.12 -0.21
N LYS D 80 25.29 10.48 -0.42
CA LYS D 80 24.06 10.88 0.24
C LYS D 80 23.56 9.87 1.29
N LEU D 81 24.30 8.78 1.48
CA LEU D 81 23.94 7.78 2.48
C LEU D 81 23.84 8.38 3.90
N GLN D 82 24.86 9.14 4.30
CA GLN D 82 24.88 9.78 5.61
C GLN D 82 23.67 10.67 5.83
N LEU D 83 23.23 11.36 4.77
CA LEU D 83 22.04 12.21 4.82
C LEU D 83 20.79 11.41 5.15
N VAL D 84 20.72 10.21 4.60
CA VAL D 84 19.62 9.29 4.91
C VAL D 84 19.66 8.94 6.41
N GLY D 85 20.83 8.49 6.88
CA GLY D 85 21.03 8.15 8.29
C GLY D 85 20.66 9.27 9.25
N THR D 86 21.24 10.45 9.06
CA THR D 86 20.96 11.62 9.90
C THR D 86 19.46 11.87 10.03
N ALA D 87 18.78 11.96 8.89
CA ALA D 87 17.36 12.22 8.88
C ALA D 87 16.55 11.10 9.53
N ALA D 88 17.02 9.86 9.34
CA ALA D 88 16.38 8.70 9.98
C ALA D 88 16.57 8.77 11.49
N MET D 89 17.75 9.20 11.92
CA MET D 89 18.03 9.35 13.35
C MET D 89 17.22 10.48 13.95
N LEU D 90 17.00 11.54 13.18
CA LEU D 90 16.22 12.69 13.64
C LEU D 90 14.74 12.34 13.80
N LEU D 91 14.24 11.48 12.91
CA LEU D 91 12.85 11.01 12.98
C LEU D 91 12.67 10.08 14.16
N ALA D 92 13.55 9.09 14.26
CA ALA D 92 13.57 8.20 15.40
C ALA D 92 13.58 9.01 16.70
N SER D 93 14.40 10.07 16.73
CA SER D 93 14.44 10.96 17.88
C SER D 93 13.11 11.63 18.15
N LYS D 94 12.44 12.09 17.10
CA LYS D 94 11.18 12.80 17.25
C LYS D 94 10.08 11.86 17.70
N PHE D 95 10.18 10.61 17.28
CA PHE D 95 9.20 9.60 17.65
C PHE D 95 9.40 9.14 19.09
N GLU D 96 10.65 8.92 19.48
CA GLU D 96 10.97 8.23 20.72
C GLU D 96 11.34 9.13 21.91
N GLU D 97 12.22 10.10 21.69
CA GLU D 97 12.75 10.94 22.78
C GLU D 97 11.69 11.87 23.38
N ILE D 98 11.72 11.99 24.71
CA ILE D 98 10.85 12.92 25.41
C ILE D 98 11.12 14.35 24.92
N TYR D 99 12.39 14.74 24.92
CA TYR D 99 12.81 15.96 24.26
C TYR D 99 13.80 15.60 23.17
N PRO D 100 13.37 15.64 21.89
CA PRO D 100 14.27 15.26 20.82
C PRO D 100 15.29 16.37 20.55
N PRO D 101 16.53 16.01 20.17
CA PRO D 101 17.51 17.02 19.80
C PRO D 101 16.98 17.91 18.67
N GLU D 102 17.40 19.18 18.69
CA GLU D 102 17.07 20.12 17.62
C GLU D 102 17.76 19.73 16.32
N VAL D 103 17.19 20.18 15.21
CA VAL D 103 17.75 19.89 13.89
C VAL D 103 19.16 20.47 13.72
N ALA D 104 19.35 21.68 14.25
CA ALA D 104 20.66 22.34 14.19
C ALA D 104 21.76 21.45 14.76
N GLU D 105 21.41 20.66 15.77
CA GLU D 105 22.36 19.79 16.48
C GLU D 105 22.62 18.49 15.72
N PHE D 106 21.71 18.13 14.82
CA PHE D 106 21.95 17.02 13.92
C PHE D 106 22.82 17.44 12.74
N VAL D 107 22.71 18.71 12.34
CA VAL D 107 23.52 19.28 11.27
C VAL D 107 25.00 19.23 11.64
N TYR D 108 25.30 19.48 12.91
CA TYR D 108 26.68 19.51 13.40
C TYR D 108 27.39 18.16 13.27
N ILE D 109 26.71 17.08 13.63
CA ILE D 109 27.36 15.75 13.66
C ILE D 109 27.66 15.16 12.27
N THR D 110 27.17 15.81 11.21
CA THR D 110 27.62 15.46 9.87
C THR D 110 28.95 16.16 9.56
N ASP D 111 29.48 16.87 10.57
CA ASP D 111 30.67 17.74 10.46
C ASP D 111 30.55 18.76 9.31
N ASP D 112 29.42 19.47 9.29
CA ASP D 112 29.11 20.49 8.27
C ASP D 112 28.99 19.95 6.84
N THR D 113 28.85 18.64 6.69
CA THR D 113 28.71 17.98 5.38
C THR D 113 27.39 18.35 4.69
N TYR D 114 26.31 18.42 5.47
CA TYR D 114 25.01 18.77 4.94
C TYR D 114 24.44 20.01 5.60
N THR D 115 23.71 20.82 4.83
CA THR D 115 23.04 21.99 5.37
C THR D 115 21.78 21.60 6.15
N LYS D 116 21.29 22.54 6.96
CA LYS D 116 20.03 22.38 7.69
C LYS D 116 18.87 22.07 6.74
N LYS D 117 18.82 22.81 5.62
CA LYS D 117 17.82 22.60 4.60
C LYS D 117 17.84 21.16 4.10
N GLN D 118 19.02 20.68 3.75
CA GLN D 118 19.19 19.32 3.20
C GLN D 118 18.62 18.25 4.12
N VAL D 119 18.95 18.34 5.40
CA VAL D 119 18.48 17.38 6.40
C VAL D 119 16.96 17.42 6.56
N LEU D 120 16.39 18.62 6.51
CA LEU D 120 14.95 18.78 6.59
C LEU D 120 14.23 18.21 5.38
N ARG D 121 14.74 18.52 4.19
CA ARG D 121 14.20 17.99 2.93
C ARG D 121 14.32 16.47 2.88
N MET D 122 15.41 15.94 3.43
CA MET D 122 15.61 14.50 3.53
C MET D 122 14.63 13.87 4.52
N GLU D 123 14.29 14.60 5.58
CA GLU D 123 13.32 14.15 6.55
C GLU D 123 11.94 13.98 5.91
N HIS D 124 11.55 14.99 5.11
CA HIS D 124 10.26 14.99 4.43
C HIS D 124 10.16 13.83 3.44
N LEU D 125 11.24 13.58 2.70
CA LEU D 125 11.25 12.50 1.73
C LEU D 125 11.21 11.13 2.40
N VAL D 126 11.92 10.97 3.52
CA VAL D 126 11.95 9.70 4.27
C VAL D 126 10.56 9.41 4.81
N LEU D 127 9.90 10.45 5.31
CA LEU D 127 8.51 10.37 5.74
C LEU D 127 7.59 9.95 4.59
N LYS D 128 7.79 10.54 3.41
CA LYS D 128 7.02 10.20 2.23
C LYS D 128 7.22 8.73 1.88
N VAL D 129 8.48 8.32 1.76
CA VAL D 129 8.84 6.95 1.37
C VAL D 129 8.42 5.90 2.40
N LEU D 130 8.33 6.30 3.67
CA LEU D 130 7.87 5.42 4.73
C LEU D 130 6.38 5.60 5.03
N THR D 131 5.72 6.44 4.23
CA THR D 131 4.29 6.74 4.38
C THR D 131 3.86 6.99 5.83
N PHE D 132 4.73 7.69 6.57
CA PHE D 132 4.49 8.07 7.97
C PHE D 132 4.37 6.91 8.96
N ASP D 133 4.61 5.70 8.49
CA ASP D 133 4.52 4.53 9.35
C ASP D 133 5.84 4.33 10.08
N LEU D 134 5.97 4.96 11.24
CA LEU D 134 7.22 5.01 11.99
C LEU D 134 7.23 4.16 13.26
N ALA D 135 6.05 3.68 13.66
CA ALA D 135 5.90 2.90 14.89
C ALA D 135 6.30 1.46 14.69
N ALA D 136 7.52 1.23 14.20
CA ALA D 136 7.98 -0.12 13.85
C ALA D 136 8.43 -0.93 15.07
N PRO D 137 8.17 -2.26 15.06
CA PRO D 137 8.68 -3.14 16.10
C PRO D 137 10.20 -3.37 15.98
N THR D 138 10.91 -3.29 17.10
CA THR D 138 12.36 -3.42 17.10
C THR D 138 12.85 -4.59 17.95
N VAL D 139 14.13 -4.93 17.80
CA VAL D 139 14.79 -5.97 18.60
C VAL D 139 14.71 -5.58 20.08
N ASN D 140 14.94 -4.29 20.32
CA ASN D 140 14.90 -3.69 21.64
C ASN D 140 13.52 -3.81 22.28
N GLN D 141 12.48 -3.65 21.47
CA GLN D 141 11.10 -3.80 21.92
C GLN D 141 10.79 -5.23 22.37
N PHE D 142 11.23 -6.20 21.58
CA PHE D 142 10.98 -7.60 21.91
C PHE D 142 11.79 -8.06 23.12
N LEU D 143 12.99 -7.51 23.28
CA LEU D 143 13.84 -7.87 24.41
C LEU D 143 13.23 -7.49 25.74
N THR D 144 12.80 -6.23 25.87
CA THR D 144 12.16 -5.74 27.08
C THR D 144 10.90 -6.53 27.41
N GLN D 145 10.21 -6.99 26.37
CA GLN D 145 9.05 -7.88 26.53
C GLN D 145 9.49 -9.25 27.05
N TYR D 146 10.59 -9.78 26.51
CA TYR D 146 11.13 -11.06 26.95
C TYR D 146 11.66 -11.02 28.39
N PHE D 147 12.25 -9.89 28.78
CA PHE D 147 12.84 -9.71 30.11
C PHE D 147 11.87 -9.90 31.27
N LEU D 148 10.57 -9.80 30.99
CA LEU D 148 9.54 -10.03 32.00
C LEU D 148 9.50 -11.49 32.47
N HIS D 149 10.11 -12.37 31.68
CA HIS D 149 10.13 -13.80 31.97
C HIS D 149 11.47 -14.27 32.56
N GLN D 150 12.16 -13.37 33.24
CA GLN D 150 13.36 -13.72 34.02
C GLN D 150 12.93 -14.12 35.43
N GLN D 151 13.72 -15.01 36.05
CA GLN D 151 13.41 -15.51 37.39
C GLN D 151 14.64 -15.68 38.32
N PRO D 152 15.07 -14.58 38.97
CA PRO D 152 14.59 -13.20 38.81
C PRO D 152 15.39 -12.42 37.75
N ALA D 153 15.10 -11.13 37.62
CA ALA D 153 15.79 -10.26 36.65
C ALA D 153 17.27 -10.10 36.99
N ASN D 154 18.10 -10.13 35.96
CA ASN D 154 19.56 -10.06 36.10
C ASN D 154 20.11 -8.95 35.21
N CYS D 155 20.82 -8.01 35.84
CA CYS D 155 21.33 -6.80 35.15
C CYS D 155 22.45 -7.07 34.16
N LYS D 156 23.27 -8.09 34.43
CA LYS D 156 24.27 -8.55 33.48
C LYS D 156 23.62 -9.27 32.29
N VAL D 157 22.56 -10.04 32.56
CA VAL D 157 21.78 -10.69 31.50
C VAL D 157 21.13 -9.65 30.57
N GLU D 158 20.48 -8.66 31.17
CA GLU D 158 19.80 -7.61 30.41
C GLU D 158 20.76 -6.79 29.56
N SER D 159 21.86 -6.34 30.16
CA SER D 159 22.89 -5.57 29.45
C SER D 159 23.49 -6.35 28.29
N LEU D 160 23.70 -7.66 28.48
CA LEU D 160 24.34 -8.49 27.46
C LEU D 160 23.41 -8.81 26.29
N ALA D 161 22.13 -9.04 26.58
CA ALA D 161 21.13 -9.29 25.54
C ALA D 161 20.95 -8.04 24.68
N MET D 162 20.95 -6.88 25.35
CA MET D 162 20.87 -5.60 24.68
C MET D 162 22.13 -5.32 23.87
N PHE D 163 23.29 -5.72 24.41
CA PHE D 163 24.55 -5.64 23.70
C PHE D 163 24.54 -6.50 22.43
N LEU D 164 24.14 -7.77 22.58
CA LEU D 164 24.13 -8.72 21.46
C LEU D 164 23.18 -8.28 20.36
N GLY D 165 21.98 -7.87 20.75
CA GLY D 165 20.97 -7.40 19.81
C GLY D 165 21.43 -6.18 19.05
N GLU D 166 22.14 -5.29 19.74
CA GLU D 166 22.66 -4.08 19.14
C GLU D 166 23.73 -4.40 18.09
N LEU D 167 24.54 -5.43 18.36
CA LEU D 167 25.52 -5.91 17.40
C LEU D 167 24.90 -6.35 16.07
N SER D 168 23.67 -6.88 16.13
CA SER D 168 22.95 -7.38 14.95
C SER D 168 22.52 -6.27 13.98
N LEU D 169 22.58 -5.02 14.45
CA LEU D 169 22.25 -3.86 13.63
C LEU D 169 23.34 -3.52 12.61
N ILE D 170 24.59 -3.83 12.95
CA ILE D 170 25.75 -3.47 12.12
C ILE D 170 25.79 -4.26 10.81
N ASP D 171 25.67 -5.59 10.93
CA ASP D 171 25.85 -6.47 9.78
C ASP D 171 24.51 -6.83 9.15
N ALA D 172 24.19 -6.16 8.04
CA ALA D 172 22.99 -6.46 7.26
C ALA D 172 22.94 -7.94 6.88
N ASP D 173 24.10 -8.50 6.50
CA ASP D 173 24.28 -9.94 6.34
C ASP D 173 24.86 -10.49 7.64
N PRO D 174 24.19 -11.47 8.28
CA PRO D 174 22.98 -12.17 7.83
C PRO D 174 21.64 -11.68 8.39
N TYR D 175 21.64 -10.66 9.26
CA TYR D 175 20.49 -10.42 10.13
C TYR D 175 19.19 -9.91 9.50
N LEU D 176 19.26 -9.43 8.26
CA LEU D 176 18.06 -9.03 7.53
C LEU D 176 17.19 -10.25 7.16
N LYS D 177 17.79 -11.45 7.24
CA LYS D 177 17.07 -12.70 7.07
C LYS D 177 16.04 -12.89 8.17
N TYR D 178 16.38 -12.43 9.38
CA TYR D 178 15.60 -12.71 10.59
C TYR D 178 14.68 -11.56 11.00
N LEU D 179 13.51 -11.94 11.53
CA LEU D 179 12.59 -10.99 12.13
C LEU D 179 13.12 -10.52 13.49
N PRO D 180 12.81 -9.27 13.89
CA PRO D 180 13.22 -8.70 15.18
C PRO D 180 12.95 -9.61 16.39
N SER D 181 11.83 -10.33 16.38
CA SER D 181 11.47 -11.24 17.46
C SER D 181 12.41 -12.43 17.57
N VAL D 182 12.93 -12.86 16.42
CA VAL D 182 13.83 -14.01 16.35
C VAL D 182 15.24 -13.64 16.82
N ILE D 183 15.71 -12.46 16.43
CA ILE D 183 17.02 -11.96 16.88
C ILE D 183 17.01 -11.78 18.41
N ALA D 184 16.00 -11.09 18.91
CA ALA D 184 15.82 -10.86 20.35
C ALA D 184 15.69 -12.18 21.13
N GLY D 185 15.12 -13.19 20.48
CA GLY D 185 15.00 -14.51 21.07
C GLY D 185 16.37 -15.14 21.29
N ALA D 186 17.19 -15.08 20.24
CA ALA D 186 18.56 -15.57 20.30
C ALA D 186 19.44 -14.69 21.18
N ALA D 187 19.14 -13.38 21.21
CA ALA D 187 19.89 -12.43 22.03
C ALA D 187 19.65 -12.67 23.52
N PHE D 188 18.42 -13.04 23.87
CA PHE D 188 18.06 -13.27 25.26
C PHE D 188 18.59 -14.61 25.77
N HIS D 189 18.52 -15.65 24.94
CA HIS D 189 19.05 -16.96 25.31
C HIS D 189 20.57 -16.95 25.48
N LEU D 190 21.27 -16.35 24.51
CA LEU D 190 22.74 -16.32 24.50
C LEU D 190 23.31 -15.54 25.68
N ALA D 191 22.72 -14.39 25.97
CA ALA D 191 23.07 -13.62 27.15
C ALA D 191 22.88 -14.47 28.41
N LEU D 192 21.66 -14.98 28.58
CA LEU D 192 21.26 -15.82 29.70
C LEU D 192 22.16 -17.05 29.91
N TYR D 193 22.62 -17.62 28.80
CA TYR D 193 23.53 -18.76 28.82
C TYR D 193 24.96 -18.35 29.20
N THR D 194 25.34 -17.13 28.85
CA THR D 194 26.69 -16.62 29.13
C THR D 194 26.88 -16.24 30.60
N VAL D 195 25.85 -15.63 31.19
CA VAL D 195 25.94 -15.10 32.56
C VAL D 195 25.53 -16.13 33.63
N THR D 196 24.33 -16.71 33.48
CA THR D 196 23.77 -17.63 34.48
C THR D 196 23.90 -19.11 34.09
N GLY D 197 24.12 -19.37 32.79
CA GLY D 197 24.15 -20.74 32.29
C GLY D 197 22.76 -21.30 32.01
N GLN D 198 21.74 -20.49 32.28
CA GLN D 198 20.36 -20.88 32.01
C GLN D 198 20.05 -20.80 30.52
N SER D 199 18.94 -21.43 30.12
CA SER D 199 18.55 -21.47 28.72
C SER D 199 17.22 -20.75 28.47
N TRP D 200 16.91 -20.58 27.18
CA TRP D 200 15.66 -19.97 26.71
C TRP D 200 14.45 -20.59 27.41
N PRO D 201 13.82 -19.81 28.33
CA PRO D 201 12.84 -20.34 29.30
C PRO D 201 11.56 -20.92 28.71
N GLU D 202 11.02 -21.92 29.41
CA GLU D 202 9.79 -22.63 29.03
C GLU D 202 8.60 -21.70 28.83
N SER D 203 8.45 -20.73 29.72
CA SER D 203 7.33 -19.78 29.69
C SER D 203 7.34 -18.90 28.45
N LEU D 204 8.53 -18.68 27.89
CA LEU D 204 8.66 -17.94 26.64
C LEU D 204 8.44 -18.85 25.44
N ILE D 205 8.72 -20.15 25.61
CA ILE D 205 8.45 -21.13 24.57
C ILE D 205 6.94 -21.19 24.32
N ARG D 206 6.16 -21.16 25.40
CA ARG D 206 4.69 -21.15 25.31
C ARG D 206 4.13 -19.83 24.75
N LYS D 207 4.80 -18.71 25.03
CA LYS D 207 4.32 -17.39 24.60
C LYS D 207 4.66 -17.08 23.14
N THR D 208 5.92 -17.31 22.75
CA THR D 208 6.37 -17.02 21.38
C THR D 208 6.07 -18.15 20.40
N GLY D 209 6.03 -19.38 20.91
CA GLY D 209 5.90 -20.56 20.06
C GLY D 209 7.26 -20.96 19.48
N TYR D 210 8.31 -20.32 19.97
CA TYR D 210 9.67 -20.58 19.52
C TYR D 210 10.36 -21.59 20.43
N THR D 211 10.64 -22.78 19.90
CA THR D 211 11.49 -23.76 20.60
C THR D 211 12.95 -23.33 20.51
N LEU D 212 13.79 -23.87 21.38
CA LEU D 212 15.23 -23.60 21.32
C LEU D 212 15.78 -24.11 19.99
N GLU D 213 15.08 -25.06 19.39
CA GLU D 213 15.41 -25.56 18.07
C GLU D 213 15.24 -24.50 17.00
N SER D 214 14.08 -23.85 16.98
CA SER D 214 13.73 -22.88 15.94
C SER D 214 14.65 -21.66 15.94
N LEU D 215 15.23 -21.36 17.09
CA LEU D 215 16.14 -20.23 17.23
C LEU D 215 17.56 -20.56 16.78
N LYS D 216 17.86 -21.85 16.69
CA LYS D 216 19.21 -22.36 16.37
C LYS D 216 19.93 -21.67 15.19
N PRO D 217 19.27 -21.56 14.01
CA PRO D 217 19.95 -20.88 12.90
C PRO D 217 20.39 -19.47 13.24
N CYS D 218 19.57 -18.76 14.01
CA CYS D 218 19.86 -17.38 14.41
C CYS D 218 20.87 -17.29 15.55
N LEU D 219 20.85 -18.29 16.43
CA LEU D 219 21.84 -18.39 17.50
C LEU D 219 23.24 -18.62 16.94
N MET D 220 23.34 -19.54 15.99
CA MET D 220 24.61 -19.89 15.34
C MET D 220 25.29 -18.69 14.72
N ASP D 221 24.47 -17.78 14.17
CA ASP D 221 24.95 -16.54 13.59
C ASP D 221 25.36 -15.54 14.65
N LEU D 222 24.51 -15.37 15.67
CA LEU D 222 24.76 -14.39 16.74
C LEU D 222 25.96 -14.81 17.59
N HIS D 223 26.04 -16.11 17.88
CA HIS D 223 27.18 -16.69 18.56
C HIS D 223 28.46 -16.33 17.82
N GLN D 224 28.43 -16.50 16.49
CA GLN D 224 29.55 -16.20 15.60
C GLN D 224 29.95 -14.74 15.61
N THR D 225 28.95 -13.85 15.66
CA THR D 225 29.17 -12.40 15.72
C THR D 225 29.79 -12.02 17.06
N TYR D 226 29.26 -12.60 18.13
CA TYR D 226 29.75 -12.41 19.49
C TYR D 226 31.23 -12.82 19.60
N LEU D 227 31.54 -14.02 19.11
CA LEU D 227 32.91 -14.54 19.11
C LEU D 227 33.87 -13.64 18.34
N LYS D 228 33.41 -13.15 17.20
CA LYS D 228 34.26 -12.37 16.29
C LYS D 228 34.07 -10.87 16.41
N ALA D 229 33.51 -10.41 17.52
CA ALA D 229 33.24 -8.98 17.71
C ALA D 229 34.51 -8.13 17.89
N PRO D 230 35.50 -8.62 18.65
CA PRO D 230 36.69 -7.77 18.85
C PRO D 230 37.56 -7.59 17.60
N GLN D 231 37.35 -8.43 16.58
CA GLN D 231 38.08 -8.28 15.31
C GLN D 231 37.24 -7.61 14.23
N HIS D 232 36.05 -7.14 14.60
CA HIS D 232 35.19 -6.40 13.68
C HIS D 232 35.77 -5.00 13.44
N ALA D 233 35.58 -4.47 12.24
CA ALA D 233 36.06 -3.13 11.91
C ALA D 233 35.28 -2.04 12.64
N GLN D 234 34.01 -2.34 12.96
CA GLN D 234 33.13 -1.41 13.66
C GLN D 234 33.11 -1.74 15.15
N GLN D 235 33.54 -0.78 15.96
CA GLN D 235 33.80 -1.01 17.38
C GLN D 235 33.03 -0.11 18.35
N SER D 236 32.20 0.79 17.84
CA SER D 236 31.48 1.74 18.70
C SER D 236 30.59 1.08 19.73
N ILE D 237 30.00 -0.08 19.40
CA ILE D 237 29.10 -0.80 20.32
C ILE D 237 29.85 -1.46 21.48
N ARG D 238 30.95 -2.14 21.16
CA ARG D 238 31.83 -2.71 22.18
C ARG D 238 32.40 -1.64 23.10
N GLU D 239 32.74 -0.50 22.52
CA GLU D 239 33.22 0.65 23.28
C GLU D 239 32.12 1.19 24.16
N LYS D 240 30.90 1.20 23.63
CA LYS D 240 29.72 1.70 24.34
C LYS D 240 29.38 0.82 25.55
N TYR D 241 29.37 -0.49 25.31
CA TYR D 241 28.92 -1.44 26.32
C TYR D 241 29.98 -1.87 27.33
N LYS D 242 31.09 -1.13 27.38
CA LYS D 242 32.07 -1.32 28.45
C LYS D 242 31.96 -0.20 29.49
N ASN D 243 30.97 0.65 29.30
CA ASN D 243 30.57 1.65 30.28
C ASN D 243 30.04 0.97 31.54
N SER D 244 30.24 1.60 32.69
CA SER D 244 29.74 1.06 33.96
C SER D 244 28.22 0.97 34.01
N LYS D 245 27.57 1.77 33.15
CA LYS D 245 26.11 1.72 32.99
C LYS D 245 25.63 0.35 32.47
N TYR D 246 26.38 -0.25 31.56
CA TYR D 246 26.03 -1.58 31.07
C TYR D 246 26.92 -2.67 31.67
N HIS D 247 27.40 -2.44 32.89
CA HIS D 247 28.23 -3.40 33.63
C HIS D 247 29.42 -3.96 32.84
N GLY D 248 29.81 -3.26 31.79
CA GLY D 248 30.95 -3.64 30.96
C GLY D 248 30.85 -5.02 30.33
N VAL D 249 29.64 -5.41 29.95
CA VAL D 249 29.37 -6.76 29.46
C VAL D 249 30.09 -7.09 28.14
N SER D 250 30.52 -6.06 27.41
CA SER D 250 31.25 -6.25 26.16
C SER D 250 32.67 -6.76 26.39
N LEU D 251 33.07 -6.81 27.66
CA LEU D 251 34.35 -7.38 28.05
C LEU D 251 34.20 -8.80 28.60
N LEU D 252 32.95 -9.22 28.80
CA LEU D 252 32.67 -10.59 29.26
C LEU D 252 33.05 -11.62 28.20
N ASN D 253 33.77 -12.64 28.63
CA ASN D 253 34.12 -13.75 27.74
C ASN D 253 32.89 -14.53 27.27
N PRO D 254 32.73 -14.66 25.93
CA PRO D 254 31.67 -15.47 25.33
C PRO D 254 31.84 -16.96 25.64
N PRO D 255 30.75 -17.75 25.57
CA PRO D 255 30.93 -19.19 25.71
C PRO D 255 31.60 -19.73 24.45
N GLU D 256 32.48 -20.71 24.58
CA GLU D 256 33.20 -21.23 23.42
C GLU D 256 32.34 -22.15 22.55
N THR D 257 31.38 -22.84 23.18
CA THR D 257 30.34 -23.59 22.45
C THR D 257 28.99 -23.37 23.10
N LEU D 258 27.94 -23.44 22.28
CA LEU D 258 26.57 -23.24 22.75
C LEU D 258 25.97 -24.49 23.35
N ASN D 259 26.61 -25.64 23.11
CA ASN D 259 26.14 -26.95 23.59
C ASN D 259 24.69 -27.20 23.14
N LEU D 260 24.41 -26.92 21.88
CA LEU D 260 23.06 -27.05 21.32
C LEU D 260 22.77 -28.45 20.81
N1 T2A E . 14.33 7.30 -21.96
C5 T2A E . 15.17 6.28 -19.94
C6 T2A E . 14.14 6.64 -20.77
C7 T2A E . 12.78 6.44 -20.70
C10 T2A E . 12.96 8.18 -23.91
C13 T2A E . 12.54 9.31 -26.36
C15 T2A E . 13.38 9.48 -24.13
C20 T2A E . 18.57 8.58 -25.25
C21 T2A E . 19.65 9.42 -25.09
C22 T2A E . 20.16 9.64 -23.82
N2 T2A E . 15.68 7.65 -22.35
C3 T2A E . 16.62 7.28 -21.48
N4 T2A E . 16.40 6.63 -20.32
N8 T2A E . 12.24 7.00 -21.83
C9 T2A E . 13.19 7.54 -22.61
C11 T2A E . 12.34 7.45 -24.90
C12 T2A E . 12.13 8.02 -26.13
C14 T2A E . 13.16 10.04 -25.37
C16 T2A E . 11.93 5.81 -19.69
N17 T2A E . 17.97 7.56 -21.74
C18 T2A E . 18.50 8.17 -22.89
C19 T2A E . 18.01 7.96 -24.15
C23 T2A E . 19.59 9.01 -22.74
O24 T2A E . 21.25 10.49 -23.68
C25 T2A E . 22.00 10.05 -22.53
O26 T2A E . 20.21 10.05 -26.20
C27 T2A E . 21.25 9.19 -26.66
O28 T2A E . 18.07 8.38 -26.53
C29 T2A E . 16.74 7.90 -26.38
N1 T2A F . -11.71 18.20 16.53
C5 T2A F . -12.86 16.81 14.94
C6 T2A F . -11.74 17.15 15.65
C7 T2A F . -10.47 16.62 15.69
C10 T2A F . -10.08 19.32 18.13
C13 T2A F . -9.27 21.05 20.06
C15 T2A F . -10.13 20.68 17.87
C20 T2A F . -15.34 21.52 19.04
C21 T2A F . -16.18 22.51 18.54
C22 T2A F . -16.67 22.41 17.26
N2 T2A F . -12.91 18.99 16.74
C3 T2A F . -13.95 18.58 16.00
N4 T2A F . -13.95 17.55 15.14
N8 T2A F . -9.76 17.38 16.60
C9 T2A F . -10.52 18.35 17.12
C11 T2A F . -9.63 18.83 19.34
C12 T2A F . -9.23 19.70 20.32
C14 T2A F . -9.71 21.55 18.85
C16 T2A F . -9.85 15.49 15.01
N17 T2A F . -15.18 19.26 16.09
C18 T2A F . -15.49 20.34 16.94
C19 T2A F . -15.01 20.45 18.24
C23 T2A F . -16.32 21.33 16.47
O24 T2A F . -17.51 23.40 16.75
C25 T2A F . -18.37 22.78 15.80
O26 T2A F . -16.52 23.59 19.34
C27 T2A F . -17.71 23.24 20.04
O28 T2A F . -14.86 21.62 20.34
C29 T2A F . -13.84 20.63 20.49
#